data_9B4T
#
_entry.id   9B4T
#
_cell.length_a   58.935
_cell.length_b   105.936
_cell.length_c   114.493
_cell.angle_alpha   90.00
_cell.angle_beta   97.50
_cell.angle_gamma   90.00
#
_symmetry.space_group_name_H-M   'P 1 21 1'
#
loop_
_entity.id
_entity.type
_entity.pdbx_description
1 polymer 'Phosphatidylinositol 4,5-bisphosphate 3-kinase catalytic subunit alpha isoform'
2 polymer 'Ras-related protein M-Ras'
3 non-polymer (2S)-2-({2-[1-(propan-2-yl)-1H-1,2,4-triazol-5-yl]-5,6-dihydroimidazo[1,2-d][1,4]benzoxazepin-9-yl}oxy)propanamide
4 non-polymer 'PHOSPHOAMINOPHOSPHONIC ACID-GUANYLATE ESTER'
5 non-polymer 'MAGNESIUM ION'
6 water water
#
loop_
_entity_poly.entity_id
_entity_poly.type
_entity_poly.pdbx_seq_one_letter_code
_entity_poly.pdbx_strand_id
1 'polypeptide(L)'
;GVGNREEKILNREIGFAIGMPVCEFDMVKDPEVQDFRRNILNVCKEAVDLRDLNSPHSRAMYVYPPNVESSPELPKHIYN
KLDKGQIIVVIWVIVSPNNDKQKYTLKINHDCVPEQVIAEAIRKKTRSMLLSSEQLKLCVLEYQGKYILKVCGCDEYFLE
KYPLSQYKYIRSCIMLGRMPNLMLMAKESLYSQLPMDCFTMPSYSRRISTATPYMNGETSTKSLWVINSALRIKILCATY
VNVNIRDIDKIYVRTGIYHGGEPLCDNVNTQRVPCSNPRWNEWLNYDIYIPDLPRAARLCLSICSVKGRKGAKEEHCPLA
WGNINLFDYTDTLVSGKMALNLWPVPHGLEDLLNPIGVTGSNPNKETPCLELEFDWFSSVVKFPDMSVIEEHANWSVSRE
AGFSYSHAGLSNRLARDNELRENDKEQLKAISTRDPLSEITEQEKDFLWSHRHYCVTIPEILPKLLLSVKWNSRDEVAQM
YCLVKDWPPIKPEQAMELLDCNYPDPMVRGFAVRCLEKYLTDDKLSQYLIQLVQVLKYEQYLDNLLVRFLLKKALTNQRI
GHFFFWHLKSEMHNKTVSQRFGLLLESYCRACGMYLKHLNRQVEAMEKLINLTDILKQEKKDETQKVQMKFLVEQMRRPD
FMDALQGFLSPLNPAHQLGNLRLEECRIMSSAKRPLWLNWENPDIMSELLFQNNEIIFKNGDDLRQDMLTLQIIRIMENI
WQNQGLDLRMLPYGCLSIGDCVGLIEVVRNSHTIMQIQCKGGLKGALQFNSHTLHQWLKDKNKGEIYDAAIDLFTRSCAG
YCVATFILGIGDRHNSNIMVKDDGQLFHIDFGHFLDHKKKKFGYKRERVPFVLTQDFLIVISKGAQECTKTREFERFQEM
CYKAYLAIRQHANLFINLFSMMLGSGMPELQSFDDIAYIRKTLALDKTEQEALEYFMKQMNDAHHGGWTTKMDAAAHTIK
QHALN
;
A
2 'polypeptide(L)'
;GMATSAVPSDNLPTYKLVVVGDGGVGKSALTIQFFAKIFVPDYDPTIEDSYLKHTEIDNQWAILDVLDTAGQEEFSAMRE
QYMRTGDGFLIVYSVTDKASFEHVDRFHQLILRVKDRESFPMILVANKVDLMHLRKITREQGKEMATKHNIPYIETSAKD
PPLNVDKAFHDLVRVIRQQ
;
B
#
# COMPACT_ATOMS: atom_id res chain seq x y z
N GLY A 3 9.66 -22.60 -33.45
CA GLY A 3 10.86 -22.96 -32.72
C GLY A 3 10.63 -24.01 -31.65
N ASN A 4 11.03 -23.70 -30.42
CA ASN A 4 10.87 -24.62 -29.31
C ASN A 4 9.41 -24.73 -28.92
N ARG A 5 8.93 -25.96 -28.76
CA ARG A 5 7.55 -26.17 -28.32
C ARG A 5 7.33 -25.68 -26.90
N GLU A 6 8.40 -25.55 -26.11
CA GLU A 6 8.27 -24.96 -24.78
C GLU A 6 8.07 -23.46 -24.86
N GLU A 7 8.69 -22.81 -25.86
CA GLU A 7 8.46 -21.39 -26.07
C GLU A 7 7.05 -21.12 -26.58
N LYS A 8 6.50 -22.04 -27.38
CA LYS A 8 5.12 -21.89 -27.82
C LYS A 8 4.15 -22.00 -26.65
N ILE A 9 4.45 -22.87 -25.68
CA ILE A 9 3.62 -22.96 -24.49
C ILE A 9 3.75 -21.68 -23.67
N LEU A 10 4.97 -21.15 -23.54
CA LEU A 10 5.16 -19.90 -22.80
C LEU A 10 4.49 -18.73 -23.52
N ASN A 11 4.54 -18.71 -24.85
CA ASN A 11 3.93 -17.62 -25.60
C ASN A 11 2.42 -17.57 -25.41
N ARG A 12 1.77 -18.72 -25.24
CA ARG A 12 0.33 -18.73 -25.03
C ARG A 12 -0.04 -18.25 -23.63
N GLU A 13 0.80 -18.52 -22.64
CA GLU A 13 0.51 -18.05 -21.29
C GLU A 13 0.77 -16.55 -21.17
N ILE A 14 1.80 -16.05 -21.85
CA ILE A 14 2.09 -14.62 -21.83
C ILE A 14 0.97 -13.85 -22.52
N GLY A 15 0.46 -14.36 -23.65
CA GLY A 15 -0.63 -13.70 -24.33
C GLY A 15 -1.93 -13.71 -23.53
N PHE A 16 -2.14 -14.76 -22.74
CA PHE A 16 -3.36 -14.84 -21.93
C PHE A 16 -3.32 -13.84 -20.78
N ALA A 17 -2.14 -13.61 -20.20
CA ALA A 17 -2.03 -12.67 -19.09
C ALA A 17 -2.19 -11.23 -19.56
N ILE A 18 -1.62 -10.90 -20.72
CA ILE A 18 -1.66 -9.53 -21.21
C ILE A 18 -2.88 -9.25 -22.09
N GLY A 19 -3.63 -10.27 -22.48
CA GLY A 19 -4.85 -10.08 -23.23
C GLY A 19 -4.69 -10.10 -24.74
N MET A 20 -3.46 -10.03 -25.25
CA MET A 20 -3.24 -10.06 -26.69
C MET A 20 -2.14 -11.06 -27.02
N PRO A 21 -2.26 -11.77 -28.13
CA PRO A 21 -1.25 -12.78 -28.46
C PRO A 21 0.09 -12.16 -28.80
N VAL A 22 1.16 -12.92 -28.53
CA VAL A 22 2.51 -12.44 -28.81
C VAL A 22 2.77 -12.33 -30.30
N CYS A 23 1.96 -12.99 -31.13
CA CYS A 23 2.17 -12.94 -32.57
C CYS A 23 2.00 -11.54 -33.12
N GLU A 24 1.17 -10.71 -32.47
CA GLU A 24 0.95 -9.36 -32.98
C GLU A 24 2.19 -8.49 -32.84
N PHE A 25 3.02 -8.74 -31.82
CA PHE A 25 4.24 -7.98 -31.67
C PHE A 25 5.28 -8.33 -32.74
N ASP A 26 5.29 -9.59 -33.19
CA ASP A 26 6.21 -10.02 -34.24
C ASP A 26 5.89 -9.39 -35.59
N MET A 27 4.70 -8.81 -35.75
CA MET A 27 4.28 -8.20 -37.00
C MET A 27 4.48 -6.69 -37.04
N VAL A 28 4.85 -6.07 -35.91
CA VAL A 28 5.06 -4.63 -35.88
C VAL A 28 6.37 -4.32 -36.60
N LYS A 29 6.28 -3.65 -37.73
CA LYS A 29 7.46 -3.33 -38.55
C LYS A 29 8.25 -2.15 -38.01
N ASP A 30 7.78 -1.49 -36.96
CA ASP A 30 8.48 -0.35 -36.39
C ASP A 30 9.83 -0.80 -35.83
N PRO A 31 10.96 -0.28 -36.35
CA PRO A 31 12.26 -0.72 -35.83
C PRO A 31 12.49 -0.40 -34.37
N GLU A 32 11.76 0.56 -33.80
CA GLU A 32 11.88 0.83 -32.37
C GLU A 32 11.22 -0.27 -31.55
N VAL A 33 10.06 -0.76 -32.01
CA VAL A 33 9.37 -1.83 -31.30
C VAL A 33 10.23 -3.10 -31.29
N GLN A 34 10.85 -3.43 -32.41
CA GLN A 34 11.67 -4.64 -32.46
C GLN A 34 12.98 -4.44 -31.72
N ASP A 35 13.56 -3.24 -31.78
CA ASP A 35 14.79 -2.98 -31.04
C ASP A 35 14.54 -2.87 -29.54
N PHE A 36 13.29 -2.66 -29.12
CA PHE A 36 13.00 -2.70 -27.70
C PHE A 36 12.91 -4.14 -27.20
N ARG A 37 12.24 -5.02 -27.96
CA ARG A 37 12.06 -6.39 -27.51
C ARG A 37 13.37 -7.15 -27.39
N ARG A 38 14.42 -6.72 -28.09
CA ARG A 38 15.72 -7.37 -27.96
C ARG A 38 16.58 -6.69 -26.90
N ASN A 39 16.66 -5.35 -26.94
CA ASN A 39 17.52 -4.62 -26.01
C ASN A 39 16.99 -4.61 -24.58
N ILE A 40 15.75 -5.05 -24.36
CA ILE A 40 15.21 -5.14 -23.00
C ILE A 40 15.53 -6.46 -22.34
N LEU A 41 15.98 -7.46 -23.10
CA LEU A 41 16.17 -8.80 -22.55
C LEU A 41 17.35 -8.91 -21.60
N ASN A 42 18.29 -7.96 -21.64
CA ASN A 42 19.38 -8.00 -20.67
C ASN A 42 18.93 -7.56 -19.28
N VAL A 43 17.88 -6.74 -19.20
CA VAL A 43 17.28 -6.43 -17.90
C VAL A 43 16.67 -7.69 -17.31
N CYS A 44 16.13 -8.58 -18.14
CA CYS A 44 15.63 -9.86 -17.65
C CYS A 44 16.77 -10.76 -17.20
N LYS A 45 17.88 -10.77 -17.94
CA LYS A 45 19.02 -11.60 -17.58
C LYS A 45 19.62 -11.16 -16.24
N GLU A 46 19.81 -9.84 -16.07
CA GLU A 46 20.41 -9.34 -14.84
C GLU A 46 19.52 -9.59 -13.63
N ALA A 47 18.20 -9.58 -13.81
CA ALA A 47 17.29 -9.82 -12.70
C ALA A 47 17.25 -11.30 -12.30
N VAL A 48 17.24 -12.19 -13.30
CA VAL A 48 17.27 -13.63 -13.00
C VAL A 48 18.58 -14.00 -12.32
N ASP A 49 19.68 -13.36 -12.72
CA ASP A 49 20.96 -13.64 -12.09
C ASP A 49 20.97 -13.23 -10.62
N LEU A 50 20.18 -12.21 -10.25
CA LEU A 50 20.09 -11.83 -8.85
C LEU A 50 19.26 -12.83 -8.05
N ARG A 51 18.24 -13.42 -8.66
CA ARG A 51 17.44 -14.45 -8.01
C ARG A 51 18.17 -15.78 -7.89
N ASP A 52 19.31 -15.94 -8.57
CA ASP A 52 20.09 -17.16 -8.49
C ASP A 52 21.38 -17.00 -7.70
N LEU A 53 21.81 -15.77 -7.45
CA LEU A 53 22.96 -15.53 -6.56
C LEU A 53 22.56 -15.92 -5.15
N ASN A 54 23.17 -16.99 -4.62
CA ASN A 54 22.73 -17.64 -3.39
C ASN A 54 21.30 -18.17 -3.56
N SER A 55 21.21 -19.22 -4.39
CA SER A 55 19.93 -19.71 -4.86
C SER A 55 18.91 -20.03 -3.77
N PRO A 56 19.27 -20.69 -2.63
CA PRO A 56 18.26 -20.95 -1.60
C PRO A 56 17.58 -19.69 -1.11
N HIS A 57 18.36 -18.74 -0.62
CA HIS A 57 17.80 -17.57 0.05
C HIS A 57 17.25 -16.55 -0.94
N SER A 58 17.92 -16.37 -2.09
CA SER A 58 17.53 -15.31 -3.02
C SER A 58 16.19 -15.60 -3.68
N ARG A 59 15.95 -16.86 -4.05
CA ARG A 59 14.65 -17.23 -4.60
C ARG A 59 13.54 -17.01 -3.58
N ALA A 60 13.83 -17.27 -2.30
CA ALA A 60 12.83 -17.04 -1.26
C ALA A 60 12.63 -15.55 -1.02
N MET A 61 13.72 -14.77 -1.06
CA MET A 61 13.59 -13.32 -0.94
C MET A 61 12.83 -12.70 -2.09
N TYR A 62 12.75 -13.38 -3.22
CA TYR A 62 12.01 -12.84 -4.37
C TYR A 62 10.51 -13.13 -4.25
N VAL A 63 10.15 -14.37 -3.91
CA VAL A 63 8.73 -14.73 -3.82
C VAL A 63 8.10 -14.10 -2.59
N TYR A 64 8.81 -14.08 -1.46
CA TYR A 64 8.32 -13.54 -0.20
C TYR A 64 9.27 -12.45 0.26
N PRO A 65 9.19 -11.26 -0.34
CA PRO A 65 10.13 -10.20 0.04
C PRO A 65 9.80 -9.64 1.40
N PRO A 66 10.81 -9.25 2.18
CA PRO A 66 10.56 -8.68 3.51
C PRO A 66 9.72 -7.41 3.46
N ASN A 67 8.43 -7.53 3.75
CA ASN A 67 7.55 -6.36 3.78
C ASN A 67 7.88 -5.51 5.00
N VAL A 68 8.86 -4.63 4.87
CA VAL A 68 9.35 -3.82 5.98
C VAL A 68 9.16 -2.34 5.64
N GLU A 69 9.34 -1.50 6.65
CA GLU A 69 9.29 -0.06 6.46
C GLU A 69 10.69 0.45 6.12
N SER A 70 10.80 1.76 5.93
CA SER A 70 12.04 2.33 5.42
C SER A 70 13.07 2.58 6.52
N SER A 71 12.63 3.06 7.68
CA SER A 71 13.56 3.41 8.74
C SER A 71 13.46 2.43 9.89
N PRO A 72 14.58 1.89 10.36
CA PRO A 72 14.53 1.00 11.53
C PRO A 72 14.08 1.69 12.81
N GLU A 73 14.32 3.01 12.92
CA GLU A 73 13.97 3.72 14.13
C GLU A 73 12.46 3.93 14.22
N LEU A 74 11.98 4.16 15.44
CA LEU A 74 10.56 4.33 15.72
C LEU A 74 10.28 5.77 16.17
N PRO A 75 9.09 6.29 15.89
CA PRO A 75 8.69 7.55 16.51
C PRO A 75 8.62 7.41 18.03
N LYS A 76 8.70 8.57 18.72
CA LYS A 76 8.73 8.55 20.17
C LYS A 76 7.40 8.07 20.75
N HIS A 77 6.29 8.45 20.14
CA HIS A 77 4.99 7.99 20.63
C HIS A 77 4.74 6.52 20.31
N ILE A 78 5.48 5.95 19.36
CA ILE A 78 5.39 4.52 19.10
C ILE A 78 6.24 3.74 20.09
N TYR A 79 7.44 4.25 20.40
CA TYR A 79 8.29 3.58 21.39
C TYR A 79 7.66 3.61 22.77
N ASN A 80 6.94 4.67 23.11
CA ASN A 80 6.29 4.76 24.41
C ASN A 80 5.13 3.77 24.56
N LYS A 81 4.67 3.17 23.46
CA LYS A 81 3.69 2.10 23.53
C LYS A 81 4.33 0.76 23.88
N LEU A 82 5.60 0.75 24.23
CA LEU A 82 6.34 -0.46 24.58
C LEU A 82 6.73 -0.44 26.04
N ASP A 83 6.87 -1.64 26.61
CA ASP A 83 7.34 -1.81 27.98
C ASP A 83 8.86 -1.94 27.94
N LYS A 84 9.56 -0.88 28.33
CA LYS A 84 11.03 -0.84 28.30
C LYS A 84 11.55 -1.17 26.90
N GLY A 85 10.83 -0.71 25.89
CA GLY A 85 11.20 -1.00 24.52
C GLY A 85 11.09 -2.47 24.14
N GLN A 86 10.12 -3.18 24.71
CA GLN A 86 9.95 -4.60 24.44
C GLN A 86 8.51 -4.89 24.07
N ILE A 87 8.33 -5.71 23.04
CA ILE A 87 7.02 -6.14 22.58
C ILE A 87 6.79 -7.57 23.03
N ILE A 88 5.52 -7.93 23.19
CA ILE A 88 5.14 -9.30 23.51
C ILE A 88 4.60 -9.94 22.24
N VAL A 89 5.31 -10.94 21.74
CA VAL A 89 4.89 -11.70 20.56
C VAL A 89 4.34 -13.04 21.03
N VAL A 90 3.40 -13.58 20.26
CA VAL A 90 2.75 -14.85 20.58
C VAL A 90 3.11 -15.84 19.48
N ILE A 91 3.86 -16.87 19.84
CA ILE A 91 4.28 -17.89 18.89
C ILE A 91 3.32 -19.06 18.97
N TRP A 92 2.85 -19.51 17.81
CA TRP A 92 1.93 -20.64 17.72
C TRP A 92 2.63 -21.82 17.05
N VAL A 93 2.09 -23.01 17.31
CA VAL A 93 2.66 -24.25 16.80
C VAL A 93 1.55 -25.28 16.67
N ILE A 94 1.56 -26.02 15.56
CA ILE A 94 0.62 -27.11 15.36
C ILE A 94 1.15 -28.35 16.07
N VAL A 95 0.29 -29.02 16.84
CA VAL A 95 0.70 -30.13 17.67
C VAL A 95 0.12 -31.46 17.19
N SER A 96 -1.07 -31.46 16.59
CA SER A 96 -1.70 -32.66 16.08
C SER A 96 -1.96 -32.50 14.57
N PRO A 97 -2.10 -33.61 13.84
CA PRO A 97 -2.36 -33.51 12.40
C PRO A 97 -3.76 -33.01 12.08
N ASN A 98 -4.47 -32.51 13.10
CA ASN A 98 -5.81 -31.96 12.93
C ASN A 98 -5.83 -30.44 13.09
N ASN A 99 -4.68 -29.80 12.85
CA ASN A 99 -4.52 -28.35 12.93
C ASN A 99 -4.79 -27.80 14.33
N ASP A 100 -4.66 -28.64 15.36
CA ASP A 100 -4.74 -28.13 16.73
C ASP A 100 -3.48 -27.35 17.06
N LYS A 101 -3.66 -26.20 17.69
CA LYS A 101 -2.58 -25.24 17.90
C LYS A 101 -2.41 -24.90 19.37
N GLN A 102 -1.16 -24.86 19.82
CA GLN A 102 -0.79 -24.33 21.12
C GLN A 102 -0.04 -23.02 20.94
N LYS A 103 0.14 -22.31 22.05
CA LYS A 103 0.79 -21.01 22.00
C LYS A 103 1.68 -20.82 23.22
N TYR A 104 2.69 -19.97 23.07
CA TYR A 104 3.51 -19.52 24.19
C TYR A 104 4.04 -18.14 23.86
N THR A 105 3.91 -17.22 24.81
CA THR A 105 4.18 -15.82 24.59
C THR A 105 5.60 -15.45 25.00
N LEU A 106 6.26 -14.66 24.17
CA LEU A 106 7.60 -14.17 24.42
C LEU A 106 7.56 -12.66 24.65
N LYS A 107 8.57 -12.15 25.34
CA LYS A 107 8.75 -10.72 25.53
C LYS A 107 10.21 -10.39 25.19
N ILE A 108 10.42 -9.77 24.04
CA ILE A 108 11.75 -9.51 23.52
C ILE A 108 11.83 -8.05 23.11
N ASN A 109 13.05 -7.54 23.02
CA ASN A 109 13.28 -6.17 22.55
C ASN A 109 12.78 -6.03 21.12
N HIS A 110 12.35 -4.81 20.78
CA HIS A 110 11.79 -4.59 19.45
C HIS A 110 12.86 -4.60 18.37
N ASP A 111 14.08 -4.18 18.70
CA ASP A 111 15.15 -4.03 17.72
C ASP A 111 15.89 -5.33 17.43
N CYS A 112 15.32 -6.48 17.77
CA CYS A 112 16.03 -7.74 17.66
C CYS A 112 15.76 -8.41 16.32
N VAL A 113 16.76 -9.14 15.85
CA VAL A 113 16.68 -9.92 14.62
C VAL A 113 15.65 -11.03 14.80
N PRO A 114 14.89 -11.40 13.75
CA PRO A 114 14.00 -12.56 13.89
C PRO A 114 14.71 -13.82 14.35
N GLU A 115 15.98 -13.99 14.01
CA GLU A 115 16.73 -15.16 14.47
C GLU A 115 16.87 -15.17 15.99
N GLN A 116 16.95 -13.99 16.60
CA GLN A 116 17.00 -13.93 18.06
C GLN A 116 15.66 -14.24 18.70
N VAL A 117 14.56 -13.92 18.00
CA VAL A 117 13.23 -14.31 18.49
C VAL A 117 13.13 -15.83 18.54
N ILE A 118 13.67 -16.50 17.52
CA ILE A 118 13.69 -17.96 17.53
C ILE A 118 14.55 -18.49 18.66
N ALA A 119 15.64 -17.78 18.98
CA ALA A 119 16.48 -18.19 20.10
C ALA A 119 15.72 -18.13 21.42
N GLU A 120 14.93 -17.08 21.62
CA GLU A 120 14.13 -16.98 22.83
C GLU A 120 13.00 -18.00 22.82
N ALA A 121 12.54 -18.41 21.64
CA ALA A 121 11.50 -19.43 21.56
C ALA A 121 12.01 -20.78 22.02
N ILE A 122 13.26 -21.11 21.67
CA ILE A 122 13.84 -22.38 22.09
C ILE A 122 14.04 -22.40 23.60
N ARG A 123 14.41 -21.26 24.19
CA ARG A 123 14.54 -21.18 25.64
C ARG A 123 13.20 -21.47 26.32
N LYS A 124 12.11 -20.93 25.77
CA LYS A 124 10.81 -21.13 26.38
C LYS A 124 10.31 -22.56 26.21
N LYS A 125 10.60 -23.18 25.07
CA LYS A 125 10.09 -24.52 24.79
C LYS A 125 10.89 -25.60 25.51
N THR A 126 12.21 -25.42 25.61
CA THR A 126 13.06 -26.44 26.25
C THR A 126 13.08 -26.33 27.77
N ARG A 127 11.95 -25.98 28.39
CA ARG A 127 11.90 -25.97 29.85
C ARG A 127 11.66 -27.37 30.40
N SER A 128 10.81 -28.15 29.74
CA SER A 128 10.57 -29.54 30.11
C SER A 128 11.66 -30.48 29.59
N MET A 129 12.75 -29.95 29.05
CA MET A 129 13.86 -30.77 28.60
C MET A 129 14.94 -30.94 29.65
N LEU A 130 14.98 -30.06 30.65
CA LEU A 130 15.96 -30.13 31.74
C LEU A 130 17.39 -30.11 31.21
N LEU A 131 17.70 -29.05 30.47
CA LEU A 131 19.01 -28.85 29.88
C LEU A 131 19.84 -27.87 30.72
N SER A 132 21.14 -28.08 30.72
CA SER A 132 22.05 -27.21 31.46
C SER A 132 22.32 -25.93 30.65
N SER A 133 23.13 -25.05 31.22
CA SER A 133 23.45 -23.80 30.54
C SER A 133 24.25 -24.05 29.26
N GLU A 134 25.22 -24.97 29.32
CA GLU A 134 25.97 -25.30 28.11
C GLU A 134 25.13 -26.09 27.12
N GLN A 135 24.21 -26.93 27.62
CA GLN A 135 23.35 -27.70 26.73
C GLN A 135 22.38 -26.81 25.99
N LEU A 136 21.91 -25.72 26.61
CA LEU A 136 21.00 -24.82 25.93
C LEU A 136 21.67 -24.13 24.74
N LYS A 137 22.98 -23.87 24.84
CA LYS A 137 23.68 -23.24 23.72
C LYS A 137 23.80 -24.19 22.53
N LEU A 138 23.87 -25.50 22.77
CA LEU A 138 24.02 -26.45 21.68
C LEU A 138 22.76 -26.51 20.82
N CYS A 139 21.60 -26.69 21.47
CA CYS A 139 20.35 -26.82 20.71
C CYS A 139 19.99 -25.53 20.00
N VAL A 140 20.35 -24.38 20.57
CA VAL A 140 20.10 -23.10 19.91
C VAL A 140 20.94 -23.00 18.63
N LEU A 141 22.26 -22.98 18.78
CA LEU A 141 23.15 -22.86 17.62
C LEU A 141 22.95 -23.97 16.60
N GLU A 142 22.31 -25.07 16.99
CA GLU A 142 21.97 -26.12 16.04
C GLU A 142 20.67 -25.82 15.30
N TYR A 143 19.73 -25.10 15.94
CA TYR A 143 18.45 -24.80 15.33
C TYR A 143 18.24 -23.31 15.06
N GLN A 144 18.94 -22.43 15.77
CA GLN A 144 18.85 -20.99 15.50
C GLN A 144 19.47 -20.73 14.13
N GLY A 145 18.63 -20.48 13.14
CA GLY A 145 19.07 -20.36 11.77
C GLY A 145 18.55 -21.45 10.85
N LYS A 146 17.73 -22.37 11.34
CA LYS A 146 17.10 -23.39 10.50
C LYS A 146 15.59 -23.24 10.47
N TYR A 147 15.05 -22.18 11.04
CA TYR A 147 13.63 -21.90 11.04
C TYR A 147 13.39 -20.44 10.67
N ILE A 148 12.14 -20.14 10.31
CA ILE A 148 11.76 -18.82 9.85
C ILE A 148 10.44 -18.43 10.51
N LEU A 149 10.33 -17.16 10.89
CA LEU A 149 9.08 -16.64 11.42
C LEU A 149 8.10 -16.35 10.29
N LYS A 150 6.83 -16.69 10.52
CA LYS A 150 5.77 -16.44 9.56
C LYS A 150 4.56 -15.87 10.28
N VAL A 151 3.95 -14.83 9.69
CA VAL A 151 2.73 -14.28 10.24
C VAL A 151 1.62 -15.33 10.15
N CYS A 152 0.87 -15.46 11.24
CA CYS A 152 -0.22 -16.43 11.30
C CYS A 152 -1.43 -15.88 10.55
N GLY A 153 -1.81 -16.53 9.46
CA GLY A 153 -2.98 -16.11 8.71
C GLY A 153 -2.73 -15.86 7.24
N CYS A 154 -1.61 -15.22 6.92
CA CYS A 154 -1.26 -14.87 5.55
C CYS A 154 0.09 -15.49 5.19
N ASP A 155 0.59 -15.14 4.00
CA ASP A 155 1.85 -15.68 3.48
C ASP A 155 2.99 -14.68 3.63
N GLU A 156 3.05 -13.97 4.75
CA GLU A 156 4.13 -13.03 5.02
C GLU A 156 5.18 -13.70 5.89
N TYR A 157 6.45 -13.48 5.54
CA TYR A 157 7.57 -14.14 6.21
C TYR A 157 8.58 -13.11 6.69
N PHE A 158 9.53 -13.57 7.49
CA PHE A 158 10.60 -12.76 8.06
C PHE A 158 11.92 -13.39 7.63
N LEU A 159 12.33 -13.13 6.39
CA LEU A 159 13.48 -13.81 5.80
C LEU A 159 14.77 -13.00 5.87
N GLU A 160 14.77 -11.84 6.51
CA GLU A 160 15.95 -10.98 6.52
C GLU A 160 16.20 -10.46 7.92
N LYS A 161 17.48 -10.20 8.22
CA LYS A 161 17.90 -9.67 9.51
C LYS A 161 17.44 -8.24 9.73
N TYR A 162 16.14 -7.97 9.55
CA TYR A 162 15.69 -6.63 9.92
C TYR A 162 15.30 -6.60 11.40
N PRO A 163 15.47 -5.45 12.06
CA PRO A 163 14.86 -5.28 13.38
C PRO A 163 13.37 -5.62 13.33
N LEU A 164 12.93 -6.41 14.31
CA LEU A 164 11.57 -6.96 14.27
C LEU A 164 10.53 -5.86 14.16
N SER A 165 10.75 -4.73 14.84
CA SER A 165 9.81 -3.62 14.79
C SER A 165 9.78 -2.91 13.44
N GLN A 166 10.75 -3.19 12.55
CA GLN A 166 10.76 -2.56 11.24
C GLN A 166 9.80 -3.23 10.27
N TYR A 167 9.50 -4.51 10.48
CA TYR A 167 8.49 -5.17 9.65
C TYR A 167 7.14 -4.49 9.85
N LYS A 168 6.39 -4.36 8.75
CA LYS A 168 5.15 -3.60 8.79
C LYS A 168 4.12 -4.25 9.70
N TYR A 169 4.01 -5.58 9.65
CA TYR A 169 3.03 -6.26 10.49
C TYR A 169 3.32 -6.05 11.97
N ILE A 170 4.59 -6.14 12.37
CA ILE A 170 4.95 -5.96 13.76
C ILE A 170 4.67 -4.53 14.22
N ARG A 171 5.09 -3.55 13.41
CA ARG A 171 4.88 -2.16 13.80
C ARG A 171 3.41 -1.77 13.71
N SER A 172 2.64 -2.40 12.83
CA SER A 172 1.20 -2.17 12.80
C SER A 172 0.54 -2.72 14.08
N CYS A 173 1.06 -3.83 14.59
CA CYS A 173 0.57 -4.35 15.87
C CYS A 173 0.90 -3.38 17.00
N ILE A 174 2.09 -2.79 16.97
CA ILE A 174 2.51 -1.88 18.03
C ILE A 174 1.59 -0.66 18.08
N MET A 175 1.33 -0.05 16.92
CA MET A 175 0.50 1.15 16.88
C MET A 175 -0.93 0.85 17.29
N LEU A 176 -1.46 -0.30 16.88
CA LEU A 176 -2.82 -0.70 17.22
C LEU A 176 -2.93 -1.31 18.61
N GLY A 177 -1.83 -1.43 19.34
CA GLY A 177 -1.86 -2.01 20.66
C GLY A 177 -2.14 -3.50 20.69
N ARG A 178 -1.95 -4.20 19.58
CA ARG A 178 -2.20 -5.62 19.49
C ARG A 178 -0.91 -6.42 19.67
N MET A 179 -1.06 -7.74 19.73
CA MET A 179 0.05 -8.65 19.90
C MET A 179 0.33 -9.39 18.60
N PRO A 180 1.59 -9.47 18.18
CA PRO A 180 1.91 -10.25 16.99
C PRO A 180 1.64 -11.73 17.19
N ASN A 181 1.05 -12.35 16.17
CA ASN A 181 0.77 -13.79 16.16
C ASN A 181 1.66 -14.42 15.07
N LEU A 182 2.76 -15.03 15.50
CA LEU A 182 3.76 -15.58 14.60
C LEU A 182 3.86 -17.09 14.81
N MET A 183 4.53 -17.75 13.87
CA MET A 183 4.79 -19.18 13.98
C MET A 183 6.13 -19.48 13.34
N LEU A 184 6.68 -20.65 13.68
CA LEU A 184 7.98 -21.08 13.17
C LEU A 184 7.79 -22.07 12.03
N MET A 185 8.70 -22.00 11.05
CA MET A 185 8.69 -22.89 9.90
C MET A 185 10.12 -23.11 9.45
N ALA A 186 10.47 -24.36 9.20
CA ALA A 186 11.83 -24.71 8.81
C ALA A 186 12.15 -24.15 7.43
N LYS A 187 13.39 -23.67 7.26
CA LYS A 187 13.82 -23.13 5.97
C LYS A 187 13.69 -24.17 4.87
N GLU A 188 14.07 -25.42 5.16
CA GLU A 188 14.07 -26.45 4.13
C GLU A 188 12.66 -26.77 3.66
N SER A 189 11.66 -26.61 4.53
CA SER A 189 10.28 -26.82 4.10
C SER A 189 9.78 -25.68 3.22
N LEU A 190 10.28 -24.46 3.45
CA LEU A 190 9.91 -23.33 2.61
C LEU A 190 10.72 -23.33 1.31
N TYR A 191 11.99 -23.71 1.37
CA TYR A 191 12.82 -23.74 0.18
C TYR A 191 12.39 -24.84 -0.78
N SER A 192 11.89 -25.96 -0.25
CA SER A 192 11.46 -27.06 -1.11
C SER A 192 10.19 -26.72 -1.88
N GLN A 193 9.37 -25.80 -1.38
CA GLN A 193 8.17 -25.37 -2.07
C GLN A 193 8.43 -24.30 -3.11
N LEU A 194 9.67 -23.82 -3.22
CA LEU A 194 10.01 -22.80 -4.21
C LEU A 194 10.33 -23.47 -5.55
N PRO A 195 9.53 -23.23 -6.59
CA PRO A 195 9.85 -23.81 -7.89
C PRO A 195 11.04 -23.12 -8.53
N MET A 196 11.71 -23.85 -9.42
CA MET A 196 12.87 -23.32 -10.12
C MET A 196 12.44 -22.43 -11.27
N ASP A 197 13.04 -21.25 -11.37
CA ASP A 197 12.78 -20.37 -12.50
C ASP A 197 13.61 -20.82 -13.71
N CYS A 198 12.98 -20.81 -14.88
CA CYS A 198 13.60 -21.30 -16.12
C CYS A 198 13.39 -20.24 -17.20
N PHE A 199 14.18 -19.17 -17.14
CA PHE A 199 14.15 -18.12 -18.14
C PHE A 199 15.09 -18.46 -19.28
N THR A 200 14.57 -18.41 -20.50
CA THR A 200 15.37 -18.62 -21.70
C THR A 200 15.18 -17.47 -22.66
N MET A 201 16.24 -17.14 -23.39
CA MET A 201 16.15 -16.08 -24.38
C MET A 201 15.18 -16.49 -25.49
N PRO A 202 14.20 -15.67 -25.83
CA PRO A 202 13.22 -16.06 -26.85
C PRO A 202 13.81 -16.13 -28.26
N SER A 203 12.98 -16.52 -29.22
CA SER A 203 13.46 -16.70 -30.59
C SER A 203 13.82 -15.38 -31.24
N TYR A 204 13.12 -14.31 -30.91
CA TYR A 204 13.41 -12.99 -31.48
C TYR A 204 14.63 -12.33 -30.86
N SER A 205 15.29 -12.99 -29.90
CA SER A 205 16.50 -12.43 -29.32
C SER A 205 17.64 -12.36 -30.32
N ARG A 206 17.59 -13.15 -31.39
CA ARG A 206 18.56 -13.09 -32.47
C ARG A 206 17.98 -12.29 -33.62
N ARG A 207 18.76 -11.33 -34.12
CA ARG A 207 18.31 -10.45 -35.20
C ARG A 207 18.02 -11.22 -36.47
N THR A 221 27.38 10.55 -41.71
CA THR A 221 26.38 11.38 -41.05
C THR A 221 26.94 12.78 -40.75
N LYS A 222 26.05 13.72 -40.49
CA LYS A 222 26.43 15.09 -40.18
C LYS A 222 25.90 15.48 -38.81
N SER A 223 26.72 16.20 -38.05
CA SER A 223 26.30 16.65 -36.73
C SER A 223 25.17 17.68 -36.85
N LEU A 224 24.36 17.76 -35.79
CA LEU A 224 23.31 18.77 -35.75
C LEU A 224 23.88 20.18 -35.76
N TRP A 225 25.09 20.34 -35.21
CA TRP A 225 25.70 21.65 -35.01
C TRP A 225 26.50 22.11 -36.23
N VAL A 226 26.40 21.41 -37.35
CA VAL A 226 27.02 21.84 -38.60
C VAL A 226 26.00 22.35 -39.61
N ILE A 227 24.71 22.22 -39.32
CA ILE A 227 23.66 22.61 -40.25
C ILE A 227 23.39 24.11 -40.07
N ASN A 228 23.80 24.90 -41.06
CA ASN A 228 23.62 26.36 -41.01
C ASN A 228 22.33 26.72 -41.71
N SER A 229 21.23 26.66 -40.97
CA SER A 229 19.90 27.02 -41.47
C SER A 229 18.95 27.02 -40.29
N ALA A 230 17.76 27.57 -40.50
CA ALA A 230 16.72 27.59 -39.49
C ALA A 230 15.78 26.40 -39.67
N LEU A 231 14.98 26.13 -38.64
CA LEU A 231 14.03 25.03 -38.69
C LEU A 231 12.86 25.39 -39.59
N ARG A 232 12.58 24.53 -40.57
CA ARG A 232 11.45 24.71 -41.47
C ARG A 232 10.73 23.39 -41.65
N ILE A 233 9.43 23.38 -41.39
CA ILE A 233 8.59 22.20 -41.53
C ILE A 233 7.49 22.51 -42.55
N LYS A 234 7.24 21.58 -43.45
CA LYS A 234 6.27 21.74 -44.52
C LYS A 234 5.00 20.97 -44.18
N ILE A 235 3.87 21.67 -44.17
CA ILE A 235 2.56 21.05 -44.04
C ILE A 235 1.98 20.91 -45.45
N LEU A 236 1.51 19.71 -45.78
CA LEU A 236 1.02 19.44 -47.12
C LEU A 236 -0.50 19.51 -47.20
N CYS A 237 -1.18 18.40 -46.89
CA CYS A 237 -2.62 18.33 -46.97
C CYS A 237 -3.15 17.54 -45.78
N ALA A 238 -4.46 17.35 -45.74
CA ALA A 238 -5.10 16.61 -44.66
C ALA A 238 -6.31 15.86 -45.20
N THR A 239 -6.39 14.57 -44.91
CA THR A 239 -7.51 13.74 -45.31
C THR A 239 -8.31 13.32 -44.08
N TYR A 240 -9.47 12.73 -44.34
CA TYR A 240 -10.41 12.28 -43.31
C TYR A 240 -10.83 13.42 -42.37
N VAL A 241 -10.68 14.66 -42.80
CA VAL A 241 -11.01 15.79 -41.93
C VAL A 241 -12.53 15.90 -41.75
N ASN A 242 -13.28 15.64 -42.81
CA ASN A 242 -14.74 15.67 -42.78
C ASN A 242 -15.28 17.00 -42.27
N LYS A 250 -13.61 28.29 -41.62
CA LYS A 250 -12.74 27.33 -42.32
C LYS A 250 -11.78 26.66 -41.34
N ILE A 251 -10.66 26.16 -41.84
CA ILE A 251 -9.73 25.38 -41.03
C ILE A 251 -8.30 25.77 -41.38
N TYR A 252 -7.43 25.71 -40.38
CA TYR A 252 -6.00 25.96 -40.54
C TYR A 252 -5.24 25.01 -39.62
N VAL A 253 -3.92 24.99 -39.77
CA VAL A 253 -3.05 24.15 -38.95
C VAL A 253 -2.12 25.05 -38.15
N ARG A 254 -2.14 24.88 -36.83
CA ARG A 254 -1.29 25.62 -35.92
C ARG A 254 -0.17 24.71 -35.42
N THR A 255 1.06 25.18 -35.52
CA THR A 255 2.23 24.40 -35.14
C THR A 255 2.93 25.05 -33.95
N GLY A 256 3.99 24.40 -33.50
CA GLY A 256 4.79 24.90 -32.39
C GLY A 256 5.90 23.93 -32.01
N ILE A 257 7.02 24.46 -31.52
CA ILE A 257 8.15 23.66 -31.10
C ILE A 257 8.28 23.81 -29.60
N TYR A 258 8.05 22.73 -28.86
CA TYR A 258 8.09 22.73 -27.41
C TYR A 258 9.20 21.81 -26.91
N HIS A 259 9.72 22.15 -25.74
CA HIS A 259 10.64 21.30 -25.00
C HIS A 259 9.95 20.84 -23.72
N GLY A 260 8.87 20.08 -23.90
CA GLY A 260 8.09 19.58 -22.78
C GLY A 260 7.33 20.66 -22.05
N GLY A 261 6.41 21.32 -22.77
CA GLY A 261 5.56 22.34 -22.19
C GLY A 261 6.11 23.76 -22.26
N GLU A 262 7.42 23.91 -22.49
CA GLU A 262 8.02 25.23 -22.62
C GLU A 262 8.18 25.55 -24.10
N PRO A 263 7.57 26.63 -24.60
CA PRO A 263 7.71 26.96 -26.03
C PRO A 263 9.13 27.38 -26.35
N LEU A 264 9.74 26.70 -27.32
CA LEU A 264 11.10 27.05 -27.74
C LEU A 264 11.10 28.26 -28.66
N CYS A 265 10.10 28.37 -29.54
CA CYS A 265 9.94 29.52 -30.40
C CYS A 265 8.46 29.84 -30.51
N ASP A 266 8.15 31.00 -31.09
CA ASP A 266 6.77 31.42 -31.22
C ASP A 266 6.03 30.52 -32.20
N ASN A 267 4.79 30.18 -31.85
CA ASN A 267 3.98 29.34 -32.70
C ASN A 267 3.59 30.07 -33.97
N VAL A 268 3.65 29.36 -35.10
CA VAL A 268 3.27 29.92 -36.40
C VAL A 268 2.04 29.19 -36.91
N ASN A 269 1.29 29.87 -37.76
CA ASN A 269 0.04 29.36 -38.31
C ASN A 269 0.09 29.31 -39.83
N THR A 270 -0.56 28.30 -40.39
CA THR A 270 -0.65 28.18 -41.84
C THR A 270 -1.76 29.08 -42.38
N GLN A 271 -1.98 29.03 -43.69
CA GLN A 271 -3.03 29.80 -44.32
C GLN A 271 -4.40 29.30 -43.89
N ARG A 272 -5.41 30.13 -44.11
CA ARG A 272 -6.79 29.80 -43.78
C ARG A 272 -7.46 29.25 -45.04
N VAL A 273 -7.57 27.92 -45.12
CA VAL A 273 -8.15 27.27 -46.29
C VAL A 273 -9.48 26.64 -45.92
N PRO A 274 -10.44 26.57 -46.83
CA PRO A 274 -11.69 25.87 -46.54
C PRO A 274 -11.51 24.36 -46.62
N CYS A 275 -12.51 23.65 -46.11
CA CYS A 275 -12.49 22.18 -46.06
C CYS A 275 -12.76 21.53 -47.41
N SER A 276 -13.02 22.33 -48.46
CA SER A 276 -13.31 21.76 -49.77
C SER A 276 -12.16 20.89 -50.26
N ASN A 277 -10.97 21.47 -50.42
CA ASN A 277 -9.76 20.75 -50.78
C ASN A 277 -8.68 21.09 -49.77
N PRO A 278 -8.62 20.35 -48.66
CA PRO A 278 -7.60 20.64 -47.63
C PRO A 278 -6.20 20.53 -48.17
N ARG A 279 -5.60 21.67 -48.48
CA ARG A 279 -4.25 21.73 -49.03
C ARG A 279 -3.55 22.97 -48.51
N TRP A 280 -2.28 22.83 -48.16
CA TRP A 280 -1.47 23.96 -47.72
C TRP A 280 -0.20 24.07 -48.55
N ASN A 281 0.57 22.98 -48.63
CA ASN A 281 1.75 22.91 -49.50
C ASN A 281 2.71 24.07 -49.25
N GLU A 282 2.86 24.45 -47.99
CA GLU A 282 3.66 25.60 -47.62
C GLU A 282 4.65 25.24 -46.52
N TRP A 283 5.85 25.80 -46.63
CA TRP A 283 6.86 25.66 -45.58
C TRP A 283 6.65 26.73 -44.53
N LEU A 284 6.87 26.36 -43.27
CA LEU A 284 6.75 27.27 -42.14
C LEU A 284 8.14 27.50 -41.56
N ASN A 285 8.59 28.76 -41.59
CA ASN A 285 9.87 29.12 -41.01
C ASN A 285 9.68 29.43 -39.52
N TYR A 286 10.47 28.77 -38.68
CA TYR A 286 10.39 28.92 -37.24
C TYR A 286 11.56 29.76 -36.73
N ASP A 287 11.32 30.48 -35.63
CA ASP A 287 12.34 31.33 -35.03
C ASP A 287 13.24 30.49 -34.11
N ILE A 288 13.95 29.54 -34.72
CA ILE A 288 14.85 28.68 -33.98
C ILE A 288 15.94 28.17 -34.93
N TYR A 289 17.20 28.34 -34.52
CA TYR A 289 18.32 27.80 -35.27
C TYR A 289 18.31 26.28 -35.19
N ILE A 290 18.57 25.62 -36.33
CA ILE A 290 18.59 24.16 -36.37
C ILE A 290 19.57 23.57 -35.36
N PRO A 291 20.84 24.01 -35.29
CA PRO A 291 21.76 23.40 -34.32
C PRO A 291 21.39 23.67 -32.87
N ASP A 292 20.57 24.68 -32.59
CA ASP A 292 20.20 25.03 -31.22
C ASP A 292 18.98 24.24 -30.73
N LEU A 293 18.48 23.30 -31.51
CA LEU A 293 17.39 22.46 -31.03
C LEU A 293 17.89 21.52 -29.94
N PRO A 294 17.12 21.33 -28.86
CA PRO A 294 17.52 20.39 -27.82
C PRO A 294 17.22 18.95 -28.24
N ARG A 295 17.74 18.02 -27.42
CA ARG A 295 17.55 16.61 -27.72
C ARG A 295 16.09 16.19 -27.59
N ALA A 296 15.37 16.76 -26.61
CA ALA A 296 13.98 16.43 -26.36
C ALA A 296 13.01 17.36 -27.10
N ALA A 297 13.43 17.94 -28.21
CA ALA A 297 12.57 18.87 -28.95
C ALA A 297 11.42 18.13 -29.61
N ARG A 298 10.23 18.72 -29.53
CA ARG A 298 9.03 18.12 -30.10
C ARG A 298 8.27 19.15 -30.92
N LEU A 299 7.55 18.66 -31.93
CA LEU A 299 6.64 19.47 -32.72
C LEU A 299 5.22 19.20 -32.25
N CYS A 300 4.52 20.27 -31.86
CA CYS A 300 3.14 20.19 -31.40
C CYS A 300 2.26 20.92 -32.40
N LEU A 301 1.42 20.18 -33.11
CA LEU A 301 0.55 20.73 -34.14
C LEU A 301 -0.90 20.39 -33.85
N SER A 302 -1.80 21.05 -34.58
CA SER A 302 -3.23 20.82 -34.44
C SER A 302 -3.94 21.42 -35.65
N ILE A 303 -5.14 20.90 -35.92
CA ILE A 303 -6.01 21.42 -36.96
C ILE A 303 -7.10 22.23 -36.27
N CYS A 304 -7.05 23.55 -36.43
CA CYS A 304 -7.97 24.45 -35.75
C CYS A 304 -8.98 25.04 -36.74
N SER A 305 -10.11 25.45 -36.20
CA SER A 305 -11.17 26.09 -36.96
C SER A 305 -11.28 27.56 -36.56
N VAL A 306 -12.02 28.33 -37.37
CA VAL A 306 -12.18 29.75 -37.14
C VAL A 306 -13.44 30.26 -37.84
N LYS A 307 -14.30 30.94 -37.09
CA LYS A 307 -15.52 31.51 -37.66
C LYS A 307 -15.60 33.00 -37.35
N GLU A 314 -11.57 35.96 -32.82
CA GLU A 314 -12.91 35.43 -33.03
C GLU A 314 -13.06 34.04 -32.43
N GLU A 315 -13.82 33.17 -33.12
CA GLU A 315 -14.14 31.85 -32.59
C GLU A 315 -13.09 30.83 -33.09
N HIS A 316 -11.98 30.78 -32.37
CA HIS A 316 -10.92 29.81 -32.65
C HIS A 316 -11.17 28.56 -31.81
N CYS A 317 -11.41 27.44 -32.48
CA CYS A 317 -11.76 26.19 -31.82
C CYS A 317 -10.90 25.06 -32.37
N PRO A 318 -10.22 24.30 -31.51
CA PRO A 318 -9.42 23.17 -32.01
C PRO A 318 -10.31 22.00 -32.42
N LEU A 319 -9.84 21.26 -33.41
CA LEU A 319 -10.57 20.11 -33.95
C LEU A 319 -9.85 18.80 -33.74
N ALA A 320 -8.53 18.76 -33.90
CA ALA A 320 -7.74 17.55 -33.67
C ALA A 320 -6.29 17.96 -33.47
N TRP A 321 -5.60 17.23 -32.59
CA TRP A 321 -4.24 17.55 -32.20
C TRP A 321 -3.31 16.39 -32.54
N GLY A 322 -2.01 16.65 -32.44
CA GLY A 322 -1.00 15.65 -32.69
C GLY A 322 0.40 16.13 -32.37
N ASN A 323 1.25 15.26 -31.84
CA ASN A 323 2.61 15.60 -31.48
C ASN A 323 3.59 14.60 -32.09
N ILE A 324 4.81 15.06 -32.32
CA ILE A 324 5.85 14.24 -32.91
C ILE A 324 7.21 14.75 -32.44
N ASN A 325 8.08 13.81 -32.07
CA ASN A 325 9.44 14.15 -31.66
C ASN A 325 10.27 14.53 -32.86
N LEU A 326 11.02 15.64 -32.75
CA LEU A 326 11.93 16.04 -33.82
C LEU A 326 13.13 15.10 -33.95
N PHE A 327 13.37 14.26 -32.95
CA PHE A 327 14.41 13.24 -33.00
C PHE A 327 13.80 11.88 -32.72
N ASP A 328 14.31 10.85 -33.38
CA ASP A 328 13.86 9.49 -33.14
C ASP A 328 14.73 8.86 -32.06
N TYR A 329 14.53 7.57 -31.78
CA TYR A 329 15.24 6.92 -30.68
C TYR A 329 16.71 6.68 -30.99
N THR A 330 17.17 6.93 -32.22
CA THR A 330 18.57 6.75 -32.58
C THR A 330 19.31 8.09 -32.65
N ASP A 331 18.74 9.15 -32.07
CA ASP A 331 19.31 10.49 -32.09
C ASP A 331 19.42 11.04 -33.51
N THR A 332 18.51 10.62 -34.39
CA THR A 332 18.50 11.08 -35.78
C THR A 332 17.47 12.18 -35.95
N LEU A 333 17.85 13.24 -36.64
CA LEU A 333 16.92 14.32 -36.95
C LEU A 333 15.90 13.85 -37.98
N VAL A 334 14.65 14.26 -37.79
CA VAL A 334 13.58 13.83 -38.69
C VAL A 334 13.76 14.48 -40.06
N SER A 335 13.53 13.71 -41.11
CA SER A 335 13.63 14.21 -42.47
C SER A 335 12.83 13.30 -43.39
N GLY A 336 12.10 13.91 -44.31
CA GLY A 336 11.30 13.16 -45.27
C GLY A 336 9.81 13.36 -45.03
N LYS A 337 9.03 12.66 -45.86
CA LYS A 337 7.58 12.75 -45.82
C LYS A 337 7.03 11.80 -44.76
N MET A 338 5.97 12.22 -44.09
CA MET A 338 5.38 11.41 -43.03
C MET A 338 3.95 11.84 -42.79
N ALA A 339 3.06 10.87 -42.64
CA ALA A 339 1.67 11.10 -42.27
C ALA A 339 1.50 10.92 -40.77
N LEU A 340 0.66 11.76 -40.17
CA LEU A 340 0.46 11.78 -38.72
C LEU A 340 -1.04 11.72 -38.43
N ASN A 341 -1.53 10.55 -38.03
CA ASN A 341 -2.93 10.41 -37.64
C ASN A 341 -3.16 11.17 -36.34
N LEU A 342 -4.04 12.17 -36.39
CA LEU A 342 -4.26 13.02 -35.23
C LEU A 342 -5.16 12.33 -34.20
N TRP A 343 -5.26 12.97 -33.03
CA TRP A 343 -6.03 12.44 -31.91
C TRP A 343 -7.25 13.32 -31.65
N PRO A 344 -8.37 12.73 -31.23
CA PRO A 344 -9.55 13.53 -30.92
C PRO A 344 -9.32 14.40 -29.70
N VAL A 345 -9.90 15.60 -29.73
CA VAL A 345 -9.71 16.54 -28.62
C VAL A 345 -10.55 16.10 -27.44
N PRO A 346 -10.02 16.14 -26.21
CA PRO A 346 -10.81 15.71 -25.06
C PRO A 346 -11.83 16.75 -24.62
N HIS A 347 -12.48 16.53 -23.49
CA HIS A 347 -13.48 17.46 -23.00
C HIS A 347 -12.82 18.75 -22.53
N GLY A 348 -13.37 19.89 -22.94
CA GLY A 348 -12.80 21.18 -22.60
C GLY A 348 -11.87 21.68 -23.69
N LEU A 349 -11.98 22.96 -24.03
CA LEU A 349 -11.19 23.58 -25.10
C LEU A 349 -10.18 24.52 -24.45
N GLU A 350 -8.93 24.07 -24.33
CA GLU A 350 -7.86 24.90 -23.80
C GLU A 350 -7.12 25.58 -24.94
N ASP A 351 -5.82 25.79 -24.77
CA ASP A 351 -5.01 26.36 -25.84
C ASP A 351 -5.06 25.46 -27.08
N LEU A 352 -4.84 26.08 -28.24
CA LEU A 352 -5.01 25.37 -29.51
C LEU A 352 -4.03 24.23 -29.68
N LEU A 353 -2.92 24.23 -28.94
CA LEU A 353 -1.95 23.15 -28.97
C LEU A 353 -2.05 22.32 -27.68
N ASN A 354 -1.45 21.14 -27.72
CA ASN A 354 -1.51 20.20 -26.60
C ASN A 354 -0.13 19.57 -26.39
N PRO A 355 0.82 20.35 -25.85
CA PRO A 355 2.17 19.79 -25.64
C PRO A 355 2.20 18.65 -24.64
N ILE A 356 1.34 18.69 -23.61
CA ILE A 356 1.36 17.66 -22.58
C ILE A 356 0.87 16.32 -23.10
N GLY A 357 0.13 16.31 -24.21
CA GLY A 357 -0.39 15.08 -24.76
C GLY A 357 0.72 14.15 -25.24
N VAL A 358 0.31 12.92 -25.54
CA VAL A 358 1.24 11.92 -26.02
C VAL A 358 1.71 12.27 -27.42
N THR A 359 2.91 11.82 -27.78
CA THR A 359 3.46 12.01 -29.10
C THR A 359 3.39 10.69 -29.87
N GLY A 360 3.00 10.77 -31.14
CA GLY A 360 2.90 9.59 -31.97
C GLY A 360 1.60 9.50 -32.73
N SER A 361 1.59 8.69 -33.79
CA SER A 361 0.42 8.58 -34.64
C SER A 361 -0.68 7.77 -33.95
N ASN A 362 -1.92 8.11 -34.27
CA ASN A 362 -3.07 7.39 -33.73
C ASN A 362 -3.15 6.01 -34.38
N PRO A 363 -3.26 4.93 -33.60
CA PRO A 363 -3.43 3.60 -34.21
C PRO A 363 -4.69 3.49 -35.04
N ASN A 364 -5.79 4.10 -34.59
CA ASN A 364 -7.02 4.12 -35.37
C ASN A 364 -6.84 5.00 -36.60
N LYS A 365 -6.91 4.40 -37.78
CA LYS A 365 -6.66 5.14 -39.01
C LYS A 365 -7.90 5.87 -39.53
N GLU A 366 -9.05 5.73 -38.88
CA GLU A 366 -10.23 6.49 -39.28
C GLU A 366 -10.11 7.95 -38.87
N THR A 367 -9.25 8.26 -37.90
CA THR A 367 -9.06 9.63 -37.46
C THR A 367 -8.46 10.46 -38.61
N PRO A 368 -8.65 11.79 -38.59
CA PRO A 368 -8.01 12.64 -39.59
C PRO A 368 -6.50 12.46 -39.61
N CYS A 369 -5.94 12.41 -40.82
CA CYS A 369 -4.50 12.30 -41.01
C CYS A 369 -3.93 13.69 -41.30
N LEU A 370 -2.60 13.74 -41.42
CA LEU A 370 -1.92 14.99 -41.76
C LEU A 370 -0.58 14.63 -42.40
N GLU A 371 -0.38 15.07 -43.63
CA GLU A 371 0.85 14.78 -44.36
C GLU A 371 1.85 15.91 -44.16
N LEU A 372 3.07 15.56 -43.79
CA LEU A 372 4.11 16.53 -43.51
C LEU A 372 5.39 16.16 -44.24
N GLU A 373 6.29 17.13 -44.34
CA GLU A 373 7.63 16.91 -44.88
C GLU A 373 8.63 17.67 -44.03
N PHE A 374 9.72 17.01 -43.65
CA PHE A 374 10.79 17.62 -42.88
C PHE A 374 11.98 17.87 -43.78
N ASP A 375 12.68 18.97 -43.54
CA ASP A 375 13.69 19.45 -44.47
C ASP A 375 14.88 18.50 -44.53
N TRP A 376 15.14 17.95 -45.71
CA TRP A 376 16.32 17.14 -45.93
C TRP A 376 17.52 18.02 -46.25
N PHE A 377 18.70 17.57 -45.84
CA PHE A 377 19.91 18.36 -46.03
C PHE A 377 20.88 17.68 -46.98
N SER A 378 21.62 16.68 -46.49
CA SER A 378 22.57 15.97 -47.33
C SER A 378 22.58 14.48 -46.99
N SER A 379 22.95 14.16 -45.76
CA SER A 379 22.94 12.78 -45.29
C SER A 379 22.20 12.74 -43.96
N VAL A 380 22.40 11.66 -43.21
CA VAL A 380 21.76 11.53 -41.90
C VAL A 380 22.30 12.60 -40.96
N VAL A 381 21.41 13.20 -40.18
CA VAL A 381 21.77 14.22 -39.21
C VAL A 381 21.56 13.64 -37.81
N LYS A 382 22.64 13.56 -37.05
CA LYS A 382 22.62 12.97 -35.71
C LYS A 382 22.82 14.06 -34.67
N PHE A 383 22.29 13.82 -33.47
CA PHE A 383 22.57 14.70 -32.36
C PHE A 383 24.02 14.50 -31.92
N PRO A 384 24.76 15.57 -31.62
CA PRO A 384 26.18 15.42 -31.28
C PRO A 384 26.36 14.58 -30.03
N ASP A 385 27.37 13.71 -30.06
CA ASP A 385 27.66 12.84 -28.93
C ASP A 385 28.08 13.67 -27.72
N MET A 386 28.14 12.99 -26.56
CA MET A 386 28.40 13.70 -25.30
C MET A 386 29.77 14.36 -25.30
N SER A 387 30.76 13.75 -25.95
CA SER A 387 32.10 14.35 -25.97
C SER A 387 32.12 15.66 -26.73
N VAL A 388 31.30 15.78 -27.78
CA VAL A 388 31.22 17.06 -28.51
C VAL A 388 30.54 18.11 -27.65
N ILE A 389 29.57 17.71 -26.82
CA ILE A 389 28.91 18.66 -25.94
C ILE A 389 29.91 19.23 -24.94
N GLU A 390 30.85 18.41 -24.48
CA GLU A 390 31.86 18.90 -23.53
C GLU A 390 32.75 19.95 -24.16
N GLU A 391 33.05 19.80 -25.45
CA GLU A 391 33.92 20.76 -26.14
C GLU A 391 33.29 22.14 -26.19
N HIS A 392 32.01 22.20 -26.55
CA HIS A 392 31.33 23.50 -26.66
C HIS A 392 31.13 24.12 -25.29
N ALA A 393 30.88 23.30 -24.26
CA ALA A 393 30.67 23.83 -22.92
C ALA A 393 31.94 24.45 -22.36
N ASN A 394 33.09 23.84 -22.66
CA ASN A 394 34.37 24.40 -22.19
C ASN A 394 34.68 25.72 -22.88
N TRP A 395 34.28 25.87 -24.15
CA TRP A 395 34.61 27.08 -24.89
C TRP A 395 33.75 28.27 -24.47
N SER A 396 32.45 28.05 -24.29
CA SER A 396 31.56 29.15 -23.92
C SER A 396 31.85 29.71 -22.53
N VAL A 397 32.68 29.04 -21.74
CA VAL A 397 33.16 29.64 -20.49
C VAL A 397 33.96 30.90 -20.80
N SER A 398 34.68 30.91 -21.92
CA SER A 398 35.50 32.04 -22.33
C SER A 398 34.75 32.83 -23.41
N ARG A 399 33.67 33.47 -22.97
CA ARG A 399 32.85 34.30 -23.85
C ARG A 399 32.12 35.39 -23.07
N LEU A 420 26.92 37.40 -2.31
CA LEU A 420 27.22 35.97 -2.24
C LEU A 420 26.61 35.33 -1.00
N ARG A 421 26.45 36.12 0.06
CA ARG A 421 25.96 35.60 1.33
C ARG A 421 24.89 36.50 1.94
N GLU A 422 24.94 37.80 1.63
CA GLU A 422 24.00 38.73 2.26
C GLU A 422 22.56 38.46 1.83
N ASN A 423 22.35 38.18 0.54
CA ASN A 423 21.04 37.79 0.04
C ASN A 423 21.10 36.78 -1.10
N ASP A 424 22.20 36.68 -1.83
CA ASP A 424 22.31 35.69 -2.90
C ASP A 424 22.14 34.28 -2.37
N LYS A 425 22.61 34.02 -1.15
CA LYS A 425 22.42 32.70 -0.56
C LYS A 425 20.98 32.49 -0.12
N GLU A 426 20.41 33.46 0.61
CA GLU A 426 19.06 33.31 1.12
C GLU A 426 18.03 33.23 -0.01
N GLN A 427 18.23 34.02 -1.07
CA GLN A 427 17.30 33.97 -2.19
C GLN A 427 17.33 32.61 -2.87
N LEU A 428 18.53 32.02 -3.02
CA LEU A 428 18.60 30.67 -3.55
C LEU A 428 17.96 29.66 -2.61
N LYS A 429 18.03 29.90 -1.29
CA LYS A 429 17.32 29.04 -0.35
C LYS A 429 15.81 29.24 -0.45
N ALA A 430 15.37 30.49 -0.63
CA ALA A 430 13.95 30.76 -0.74
C ALA A 430 13.39 30.28 -2.07
N ILE A 431 14.18 30.34 -3.14
CA ILE A 431 13.74 29.84 -4.45
C ILE A 431 13.48 28.34 -4.38
N SER A 432 14.35 27.62 -3.66
CA SER A 432 14.24 26.16 -3.63
C SER A 432 13.03 25.70 -2.81
N THR A 433 12.70 26.43 -1.74
CA THR A 433 11.60 26.01 -0.86
C THR A 433 10.23 26.25 -1.48
N ARG A 434 10.13 27.01 -2.56
CA ARG A 434 8.85 27.29 -3.17
C ARG A 434 8.30 26.05 -3.87
N ASP A 435 6.98 25.98 -3.97
CA ASP A 435 6.33 24.82 -4.56
C ASP A 435 6.58 24.76 -6.07
N PRO A 436 6.52 23.58 -6.68
CA PRO A 436 6.76 23.48 -8.13
C PRO A 436 5.69 24.17 -8.97
N LEU A 437 4.54 24.50 -8.41
CA LEU A 437 3.53 25.27 -9.14
C LEU A 437 3.71 26.77 -9.01
N SER A 438 4.55 27.22 -8.08
CA SER A 438 4.78 28.66 -7.93
C SER A 438 5.56 29.21 -9.11
N GLU A 439 5.17 30.40 -9.55
CA GLU A 439 5.84 31.03 -10.68
C GLU A 439 7.23 31.50 -10.31
N ILE A 440 8.13 31.48 -11.30
CA ILE A 440 9.49 31.95 -11.14
C ILE A 440 9.70 33.08 -12.14
N THR A 441 9.85 34.30 -11.64
CA THR A 441 9.97 35.47 -12.51
C THR A 441 11.26 35.38 -13.34
N GLU A 442 11.25 36.11 -14.45
CA GLU A 442 12.40 36.08 -15.37
C GLU A 442 13.67 36.59 -14.69
N GLN A 443 13.54 37.55 -13.77
CA GLN A 443 14.70 38.02 -13.02
C GLN A 443 15.30 36.91 -12.19
N GLU A 444 14.45 36.11 -11.53
CA GLU A 444 14.95 34.99 -10.74
C GLU A 444 15.56 33.91 -11.62
N LYS A 445 15.02 33.72 -12.84
CA LYS A 445 15.58 32.73 -13.75
C LYS A 445 17.01 33.08 -14.13
N ASP A 446 17.28 34.36 -14.41
CA ASP A 446 18.66 34.78 -14.67
C ASP A 446 19.50 34.75 -13.40
N PHE A 447 18.88 35.02 -12.24
CA PHE A 447 19.63 35.01 -10.99
C PHE A 447 20.08 33.59 -10.63
N LEU A 448 19.21 32.61 -10.85
CA LEU A 448 19.61 31.21 -10.64
C LEU A 448 20.73 30.82 -11.60
N TRP A 449 20.57 31.17 -12.88
CA TRP A 449 21.55 30.78 -13.89
C TRP A 449 22.91 31.43 -13.62
N SER A 450 22.91 32.66 -13.12
CA SER A 450 24.18 33.33 -12.85
C SER A 450 24.91 32.67 -11.67
N HIS A 451 24.16 32.19 -10.68
CA HIS A 451 24.73 31.49 -9.54
C HIS A 451 24.63 29.97 -9.67
N ARG A 452 24.65 29.46 -10.91
CA ARG A 452 24.53 28.02 -11.13
C ARG A 452 25.68 27.24 -10.53
N HIS A 453 26.84 27.88 -10.32
CA HIS A 453 27.96 27.19 -9.69
C HIS A 453 27.81 27.13 -8.18
N TYR A 454 27.20 28.14 -7.57
CA TYR A 454 26.88 28.08 -6.16
C TYR A 454 25.67 27.20 -5.88
N CYS A 455 24.84 26.93 -6.89
CA CYS A 455 23.68 26.07 -6.71
C CYS A 455 24.04 24.63 -6.38
N VAL A 456 25.30 24.23 -6.56
CA VAL A 456 25.68 22.87 -6.24
C VAL A 456 25.78 22.64 -4.73
N THR A 457 25.82 23.71 -3.94
CA THR A 457 25.80 23.57 -2.49
C THR A 457 24.39 23.30 -1.95
N ILE A 458 23.37 23.47 -2.79
CA ILE A 458 21.99 23.18 -2.42
C ILE A 458 21.34 22.42 -3.56
N PRO A 459 21.64 21.13 -3.73
CA PRO A 459 21.17 20.40 -4.92
C PRO A 459 19.66 20.29 -5.04
N GLU A 460 18.91 20.61 -3.99
CA GLU A 460 17.46 20.58 -4.08
C GLU A 460 16.89 21.70 -4.95
N ILE A 461 17.71 22.69 -5.32
CA ILE A 461 17.26 23.76 -6.20
C ILE A 461 17.34 23.38 -7.67
N LEU A 462 17.80 22.16 -7.97
CA LEU A 462 17.98 21.76 -9.37
C LEU A 462 16.70 21.86 -10.20
N PRO A 463 15.51 21.45 -9.73
CA PRO A 463 14.30 21.66 -10.55
C PRO A 463 14.07 23.12 -10.91
N LYS A 464 14.35 24.04 -9.98
CA LYS A 464 14.19 25.46 -10.28
C LYS A 464 15.23 25.93 -11.29
N LEU A 465 16.44 25.37 -11.24
CA LEU A 465 17.49 25.78 -12.16
C LEU A 465 17.21 25.28 -13.58
N LEU A 466 16.70 24.06 -13.71
CA LEU A 466 16.39 23.52 -15.03
C LEU A 466 15.33 24.34 -15.75
N LEU A 467 14.37 24.90 -15.00
CA LEU A 467 13.36 25.75 -15.60
C LEU A 467 13.90 27.13 -15.95
N SER A 468 15.01 27.55 -15.33
CA SER A 468 15.61 28.83 -15.65
C SER A 468 16.47 28.79 -16.90
N VAL A 469 16.98 27.62 -17.29
CA VAL A 469 17.81 27.51 -18.47
C VAL A 469 16.97 27.71 -19.72
N LYS A 470 17.43 28.61 -20.59
CA LYS A 470 16.78 28.80 -21.88
C LYS A 470 17.15 27.62 -22.78
N TRP A 471 16.23 26.67 -22.91
CA TRP A 471 16.48 25.49 -23.72
C TRP A 471 16.52 25.80 -25.22
N ASN A 472 16.10 27.00 -25.62
CA ASN A 472 16.17 27.38 -27.02
C ASN A 472 17.61 27.45 -27.52
N SER A 473 18.54 27.85 -26.66
CA SER A 473 19.94 27.93 -27.04
C SER A 473 20.64 26.60 -26.81
N ARG A 474 21.85 26.49 -27.36
CA ARG A 474 22.67 25.30 -27.18
C ARG A 474 23.89 25.54 -26.30
N ASP A 475 24.33 26.79 -26.14
CA ASP A 475 25.47 27.07 -25.28
C ASP A 475 25.10 26.85 -23.81
N GLU A 476 23.87 27.17 -23.43
CA GLU A 476 23.43 26.97 -22.05
C GLU A 476 23.09 25.51 -21.78
N VAL A 477 22.41 24.85 -22.71
CA VAL A 477 22.06 23.45 -22.53
C VAL A 477 23.32 22.59 -22.51
N ALA A 478 24.37 22.99 -23.23
CA ALA A 478 25.63 22.27 -23.18
C ALA A 478 26.28 22.40 -21.80
N GLN A 479 26.17 23.58 -21.19
CA GLN A 479 26.70 23.74 -19.83
C GLN A 479 25.85 22.99 -18.81
N MET A 480 24.53 22.98 -19.03
CA MET A 480 23.65 22.28 -18.09
C MET A 480 23.92 20.78 -18.08
N TYR A 481 24.31 20.21 -19.21
CA TYR A 481 24.67 18.79 -19.23
C TYR A 481 25.90 18.52 -18.39
N CYS A 482 26.82 19.47 -18.30
CA CYS A 482 28.03 19.28 -17.49
C CYS A 482 27.71 19.31 -16.00
N LEU A 483 26.78 20.18 -15.59
CA LEU A 483 26.39 20.23 -14.19
C LEU A 483 25.63 18.98 -13.79
N VAL A 484 24.64 18.58 -14.60
CA VAL A 484 23.86 17.39 -14.31
C VAL A 484 24.74 16.14 -14.35
N LYS A 485 25.82 16.18 -15.14
CA LYS A 485 26.74 15.03 -15.17
C LYS A 485 27.40 14.81 -13.82
N ASP A 486 27.64 15.89 -13.06
CA ASP A 486 28.28 15.79 -11.75
C ASP A 486 27.46 16.49 -10.68
N TRP A 487 26.14 16.48 -10.82
CA TRP A 487 25.27 17.09 -9.83
C TRP A 487 25.06 16.15 -8.65
N PRO A 488 25.13 16.65 -7.42
CA PRO A 488 24.98 15.78 -6.25
C PRO A 488 23.59 15.17 -6.21
N PRO A 489 23.49 13.87 -5.87
CA PRO A 489 22.18 13.23 -5.83
C PRO A 489 21.26 13.88 -4.81
N ILE A 490 19.96 13.81 -5.08
CA ILE A 490 18.93 14.40 -4.24
C ILE A 490 18.04 13.29 -3.69
N LYS A 491 17.12 13.68 -2.81
CA LYS A 491 16.20 12.73 -2.23
C LYS A 491 15.29 12.13 -3.30
N PRO A 492 14.87 10.87 -3.15
CA PRO A 492 14.04 10.25 -4.20
C PRO A 492 12.70 10.93 -4.39
N GLU A 493 12.09 11.43 -3.32
CA GLU A 493 10.83 12.16 -3.47
C GLU A 493 11.02 13.43 -4.29
N GLN A 494 12.22 14.02 -4.24
CA GLN A 494 12.50 15.21 -5.04
C GLN A 494 12.84 14.85 -6.48
N ALA A 495 13.54 13.74 -6.68
CA ALA A 495 13.90 13.31 -8.04
C ALA A 495 12.68 12.90 -8.85
N MET A 496 11.59 12.49 -8.19
CA MET A 496 10.37 12.16 -8.92
C MET A 496 9.80 13.38 -9.63
N GLU A 497 10.07 14.58 -9.11
CA GLU A 497 9.65 15.79 -9.79
C GLU A 497 10.32 15.94 -11.15
N LEU A 498 11.54 15.45 -11.29
CA LEU A 498 12.28 15.49 -12.55
C LEU A 498 11.81 14.45 -13.55
N LEU A 499 10.67 13.80 -13.30
CA LEU A 499 10.17 12.76 -14.19
C LEU A 499 8.76 13.03 -14.71
N ASP A 500 8.15 14.16 -14.36
CA ASP A 500 6.85 14.52 -14.89
C ASP A 500 7.03 15.12 -16.29
N CYS A 501 5.97 15.75 -16.80
CA CYS A 501 5.99 16.25 -18.18
C CYS A 501 6.82 17.51 -18.36
N ASN A 502 7.21 18.19 -17.27
CA ASN A 502 7.95 19.44 -17.37
C ASN A 502 9.45 19.27 -17.55
N TYR A 503 9.93 18.03 -17.52
CA TYR A 503 11.36 17.75 -17.68
C TYR A 503 11.53 16.58 -18.63
N PRO A 504 11.64 16.85 -19.93
CA PRO A 504 11.81 15.78 -20.93
C PRO A 504 13.26 15.48 -21.32
N ASP A 505 14.23 16.26 -20.83
CA ASP A 505 15.61 16.08 -21.28
C ASP A 505 16.15 14.73 -20.82
N PRO A 506 16.68 13.90 -21.74
CA PRO A 506 17.13 12.56 -21.33
C PRO A 506 18.20 12.56 -20.24
N MET A 507 19.16 13.49 -20.32
CA MET A 507 20.17 13.58 -19.27
C MET A 507 19.55 13.96 -17.92
N VAL A 508 18.44 14.70 -17.94
CA VAL A 508 17.74 15.01 -16.71
C VAL A 508 17.03 13.78 -16.16
N ARG A 509 16.38 13.01 -17.05
CA ARG A 509 15.75 11.76 -16.63
C ARG A 509 16.78 10.80 -16.05
N GLY A 510 17.95 10.70 -16.68
CA GLY A 510 18.98 9.81 -16.20
C GLY A 510 19.46 10.15 -14.80
N PHE A 511 19.44 11.44 -14.46
CA PHE A 511 19.80 11.84 -13.10
C PHE A 511 18.74 11.41 -12.09
N ALA A 512 17.46 11.57 -12.44
CA ALA A 512 16.40 11.19 -11.52
C ALA A 512 16.36 9.68 -11.33
N VAL A 513 16.48 8.91 -12.41
CA VAL A 513 16.46 7.45 -12.30
C VAL A 513 17.68 6.95 -11.54
N ARG A 514 18.82 7.61 -11.69
CA ARG A 514 20.00 7.23 -10.90
C ARG A 514 19.79 7.55 -9.43
N CYS A 515 19.12 8.67 -9.14
CA CYS A 515 18.80 8.99 -7.75
C CYS A 515 17.86 7.95 -7.14
N LEU A 516 17.04 7.29 -7.97
CA LEU A 516 16.16 6.25 -7.46
C LEU A 516 16.90 4.94 -7.22
N GLU A 517 17.91 4.64 -8.05
CA GLU A 517 18.66 3.39 -7.89
C GLU A 517 19.50 3.39 -6.62
N LYS A 518 19.76 4.55 -6.04
CA LYS A 518 20.57 4.64 -4.83
C LYS A 518 19.73 4.79 -3.56
N TYR A 519 18.66 5.60 -3.60
CA TYR A 519 17.96 6.00 -2.39
C TYR A 519 16.55 5.46 -2.27
N LEU A 520 15.90 5.09 -3.37
CA LEU A 520 14.51 4.64 -3.33
C LEU A 520 14.46 3.21 -2.82
N THR A 521 13.92 3.02 -1.62
CA THR A 521 13.75 1.69 -1.06
C THR A 521 12.54 1.01 -1.68
N ASP A 522 12.52 -0.32 -1.60
CA ASP A 522 11.37 -1.08 -2.10
C ASP A 522 10.09 -0.75 -1.35
N ASP A 523 10.20 -0.25 -0.11
CA ASP A 523 9.03 0.20 0.62
C ASP A 523 8.42 1.44 -0.04
N LYS A 524 9.25 2.44 -0.32
CA LYS A 524 8.75 3.65 -0.97
C LYS A 524 8.42 3.42 -2.44
N LEU A 525 9.13 2.50 -3.09
CA LEU A 525 8.84 2.22 -4.50
C LEU A 525 7.42 1.70 -4.68
N SER A 526 6.98 0.80 -3.80
CA SER A 526 5.61 0.31 -3.86
C SER A 526 4.60 1.38 -3.45
N GLN A 527 5.03 2.41 -2.73
CA GLN A 527 4.12 3.48 -2.34
C GLN A 527 3.86 4.43 -3.50
N TYR A 528 4.89 4.74 -4.28
CA TYR A 528 4.77 5.64 -5.43
C TYR A 528 4.71 4.90 -6.75
N LEU A 529 4.44 3.59 -6.73
CA LEU A 529 4.49 2.80 -7.96
C LEU A 529 3.48 3.28 -8.99
N ILE A 530 2.31 3.74 -8.53
CA ILE A 530 1.28 4.18 -9.48
C ILE A 530 1.73 5.43 -10.23
N GLN A 531 2.49 6.30 -9.57
CA GLN A 531 3.02 7.48 -10.27
C GLN A 531 4.17 7.10 -11.19
N LEU A 532 5.06 6.22 -10.73
CA LEU A 532 6.21 5.84 -11.55
C LEU A 532 5.79 5.11 -12.82
N VAL A 533 4.63 4.45 -12.80
CA VAL A 533 4.14 3.80 -14.00
C VAL A 533 3.45 4.80 -14.93
N GLN A 534 2.84 5.84 -14.37
CA GLN A 534 2.18 6.84 -15.22
C GLN A 534 3.18 7.68 -15.99
N VAL A 535 4.29 8.06 -15.36
CA VAL A 535 5.31 8.85 -16.05
C VAL A 535 6.05 8.05 -17.10
N LEU A 536 5.79 6.75 -17.19
CA LEU A 536 6.29 5.98 -18.34
C LEU A 536 5.63 6.43 -19.63
N LYS A 537 4.45 7.05 -19.56
CA LYS A 537 3.82 7.61 -20.75
C LYS A 537 4.53 8.88 -21.21
N TYR A 538 5.11 9.63 -20.29
CA TYR A 538 5.83 10.85 -20.63
C TYR A 538 7.16 10.58 -21.33
N GLU A 539 7.60 9.33 -21.37
CA GLU A 539 8.88 9.02 -21.98
C GLU A 539 8.80 9.15 -23.50
N GLN A 540 9.81 9.80 -24.09
CA GLN A 540 9.80 10.04 -25.53
C GLN A 540 9.94 8.75 -26.33
N TYR A 541 10.62 7.75 -25.79
CA TYR A 541 10.90 6.51 -26.51
C TYR A 541 10.59 5.32 -25.62
N LEU A 542 10.59 4.14 -26.24
CA LEU A 542 10.31 2.91 -25.51
C LEU A 542 11.47 2.55 -24.58
N ASP A 543 12.69 2.60 -25.10
CA ASP A 543 13.88 2.21 -24.35
C ASP A 543 14.43 3.46 -23.65
N ASN A 544 14.20 3.54 -22.34
CA ASN A 544 14.75 4.59 -21.50
C ASN A 544 15.24 3.97 -20.20
N LEU A 545 15.83 4.80 -19.34
CA LEU A 545 16.38 4.30 -18.09
C LEU A 545 15.31 4.08 -17.02
N LEU A 546 14.17 4.76 -17.12
CA LEU A 546 13.13 4.57 -16.12
C LEU A 546 12.42 3.23 -16.30
N VAL A 547 12.25 2.79 -17.55
CA VAL A 547 11.56 1.52 -17.78
C VAL A 547 12.48 0.35 -17.43
N ARG A 548 13.79 0.51 -17.58
CA ARG A 548 14.72 -0.55 -17.18
C ARG A 548 14.87 -0.60 -15.67
N PHE A 549 14.65 0.52 -14.98
CA PHE A 549 14.71 0.54 -13.53
C PHE A 549 13.49 -0.12 -12.92
N LEU A 550 12.30 0.20 -13.42
CA LEU A 550 11.08 -0.40 -12.88
C LEU A 550 11.00 -1.89 -13.21
N LEU A 551 11.44 -2.28 -14.41
CA LEU A 551 11.35 -3.68 -14.79
C LEU A 551 12.28 -4.55 -13.95
N LYS A 552 13.51 -4.07 -13.70
CA LYS A 552 14.45 -4.85 -12.91
C LYS A 552 13.96 -5.00 -11.47
N LYS A 553 13.35 -3.96 -10.92
CA LYS A 553 12.81 -4.05 -9.56
C LYS A 553 11.60 -4.97 -9.51
N ALA A 554 10.72 -4.89 -10.52
CA ALA A 554 9.56 -5.77 -10.55
C ALA A 554 9.97 -7.24 -10.70
N LEU A 555 11.10 -7.50 -11.35
CA LEU A 555 11.60 -8.86 -11.54
C LEU A 555 12.51 -9.32 -10.43
N THR A 556 12.75 -8.50 -9.39
CA THR A 556 13.49 -8.91 -8.21
C THR A 556 12.65 -8.75 -6.94
N ASN A 557 11.33 -8.59 -7.09
CA ASN A 557 10.44 -8.39 -5.95
C ASN A 557 9.03 -8.69 -6.44
N GLN A 558 8.49 -9.84 -6.03
CA GLN A 558 7.17 -10.24 -6.52
C GLN A 558 6.07 -9.33 -6.00
N ARG A 559 6.25 -8.74 -4.81
CA ARG A 559 5.26 -7.78 -4.34
C ARG A 559 5.27 -6.52 -5.20
N ILE A 560 6.44 -6.11 -5.68
CA ILE A 560 6.53 -5.03 -6.66
C ILE A 560 5.99 -5.50 -8.01
N GLY A 561 6.42 -6.69 -8.45
CA GLY A 561 6.00 -7.19 -9.75
C GLY A 561 4.51 -7.45 -9.85
N HIS A 562 3.87 -7.79 -8.73
CA HIS A 562 2.43 -8.06 -8.76
C HIS A 562 1.64 -6.83 -9.17
N PHE A 563 1.80 -5.73 -8.42
CA PHE A 563 1.10 -4.50 -8.74
C PHE A 563 1.66 -3.83 -10.00
N PHE A 564 2.92 -4.09 -10.32
CA PHE A 564 3.47 -3.64 -11.60
C PHE A 564 2.65 -4.20 -12.75
N PHE A 565 2.39 -5.51 -12.73
CA PHE A 565 1.60 -6.14 -13.79
C PHE A 565 0.20 -5.56 -13.87
N TRP A 566 -0.46 -5.37 -12.71
CA TRP A 566 -1.87 -5.01 -12.73
C TRP A 566 -2.08 -3.55 -13.14
N HIS A 567 -1.17 -2.66 -12.74
CA HIS A 567 -1.26 -1.28 -13.20
C HIS A 567 -1.10 -1.20 -14.71
N LEU A 568 -0.22 -2.00 -15.28
CA LEU A 568 -0.04 -2.02 -16.73
C LEU A 568 -1.22 -2.70 -17.41
N LYS A 569 -1.69 -3.83 -16.87
CA LYS A 569 -2.82 -4.54 -17.48
C LYS A 569 -4.09 -3.71 -17.42
N SER A 570 -4.24 -2.86 -16.39
CA SER A 570 -5.44 -2.06 -16.25
C SER A 570 -5.58 -1.07 -17.41
N GLU A 571 -4.48 -0.46 -17.83
CA GLU A 571 -4.49 0.52 -18.91
C GLU A 571 -4.29 -0.11 -20.29
N MET A 572 -4.34 -1.44 -20.38
CA MET A 572 -4.11 -2.12 -21.65
C MET A 572 -5.23 -1.87 -22.66
N HIS A 573 -6.44 -1.53 -22.18
CA HIS A 573 -7.51 -1.18 -23.09
C HIS A 573 -7.24 0.12 -23.81
N ASN A 574 -6.57 1.06 -23.14
CA ASN A 574 -6.23 2.35 -23.73
C ASN A 574 -5.23 2.14 -24.86
N LYS A 575 -5.67 2.33 -26.10
CA LYS A 575 -4.81 2.11 -27.26
C LYS A 575 -3.70 3.15 -27.35
N THR A 576 -3.82 4.26 -26.63
CA THR A 576 -2.74 5.24 -26.60
C THR A 576 -1.46 4.63 -26.00
N VAL A 577 -1.61 3.78 -25.00
CA VAL A 577 -0.48 3.17 -24.31
C VAL A 577 -0.46 1.65 -24.42
N SER A 578 -1.41 1.05 -25.15
CA SER A 578 -1.52 -0.40 -25.21
C SER A 578 -0.28 -1.06 -25.82
N GLN A 579 0.51 -0.33 -26.60
CA GLN A 579 1.72 -0.92 -27.17
C GLN A 579 2.94 -0.69 -26.27
N ARG A 580 3.06 0.49 -25.67
CA ARG A 580 4.15 0.74 -24.74
C ARG A 580 4.06 -0.18 -23.53
N PHE A 581 2.86 -0.38 -23.00
CA PHE A 581 2.69 -1.24 -21.84
C PHE A 581 2.66 -2.72 -22.24
N GLY A 582 2.08 -3.04 -23.39
CA GLY A 582 2.03 -4.42 -23.82
C GLY A 582 3.41 -5.01 -24.04
N LEU A 583 4.33 -4.22 -24.64
CA LEU A 583 5.70 -4.67 -24.78
C LEU A 583 6.40 -4.76 -23.43
N LEU A 584 6.01 -3.93 -22.47
CA LEU A 584 6.62 -3.99 -21.15
C LEU A 584 6.15 -5.24 -20.39
N LEU A 585 4.87 -5.59 -20.55
CA LEU A 585 4.37 -6.80 -19.89
C LEU A 585 4.98 -8.07 -20.47
N GLU A 586 5.26 -8.07 -21.78
CA GLU A 586 5.84 -9.26 -22.40
C GLU A 586 7.20 -9.58 -21.79
N SER A 587 8.05 -8.57 -21.62
CA SER A 587 9.34 -8.80 -20.99
C SER A 587 9.19 -9.21 -19.53
N TYR A 588 8.21 -8.63 -18.82
CA TYR A 588 7.97 -9.02 -17.45
C TYR A 588 7.47 -10.46 -17.36
N CYS A 589 6.46 -10.80 -18.16
CA CYS A 589 5.88 -12.14 -18.09
C CYS A 589 6.89 -13.21 -18.50
N ARG A 590 7.82 -12.87 -19.39
CA ARG A 590 8.82 -13.84 -19.83
C ARG A 590 9.89 -14.11 -18.79
N ALA A 591 10.00 -13.27 -17.76
CA ALA A 591 11.06 -13.41 -16.77
C ALA A 591 10.58 -13.38 -15.32
N CYS A 592 9.29 -13.19 -15.07
CA CYS A 592 8.80 -13.17 -13.69
C CYS A 592 8.86 -14.55 -13.04
N GLY A 593 8.97 -15.62 -13.83
CA GLY A 593 9.12 -16.95 -13.29
C GLY A 593 7.81 -17.67 -13.07
N MET A 594 7.67 -18.34 -11.92
CA MET A 594 6.49 -19.13 -11.64
C MET A 594 5.26 -18.26 -11.38
N TYR A 595 5.46 -16.99 -11.01
CA TYR A 595 4.33 -16.13 -10.68
C TYR A 595 3.40 -15.90 -11.86
N LEU A 596 3.88 -16.11 -13.09
CA LEU A 596 3.02 -15.98 -14.25
C LEU A 596 1.85 -16.94 -14.19
N LYS A 597 2.09 -18.18 -13.73
CA LYS A 597 1.02 -19.14 -13.56
C LYS A 597 -0.01 -18.65 -12.55
N HIS A 598 0.46 -17.98 -11.49
CA HIS A 598 -0.46 -17.41 -10.52
C HIS A 598 -1.23 -16.23 -11.12
N LEU A 599 -0.55 -15.41 -11.91
CA LEU A 599 -1.21 -14.28 -12.55
C LEU A 599 -2.29 -14.72 -13.52
N ASN A 600 -2.01 -15.77 -14.31
CA ASN A 600 -3.01 -16.29 -15.23
C ASN A 600 -4.25 -16.77 -14.50
N ARG A 601 -4.06 -17.38 -13.33
CA ARG A 601 -5.21 -17.82 -12.54
C ARG A 601 -5.97 -16.63 -11.95
N GLN A 602 -5.28 -15.50 -11.74
CA GLN A 602 -5.97 -14.30 -11.31
C GLN A 602 -6.66 -13.60 -12.47
N VAL A 603 -6.02 -13.61 -13.66
CA VAL A 603 -6.64 -12.99 -14.83
C VAL A 603 -7.93 -13.70 -15.20
N GLU A 604 -7.89 -15.04 -15.24
CA GLU A 604 -9.09 -15.79 -15.57
C GLU A 604 -10.16 -15.62 -14.49
N ALA A 605 -9.75 -15.43 -13.23
CA ALA A 605 -10.73 -15.19 -12.18
C ALA A 605 -11.45 -13.87 -12.38
N MET A 606 -10.69 -12.79 -12.60
CA MET A 606 -11.31 -11.49 -12.86
C MET A 606 -12.10 -11.50 -14.17
N GLU A 607 -11.63 -12.27 -15.15
CA GLU A 607 -12.33 -12.33 -16.44
C GLU A 607 -13.72 -12.94 -16.27
N LYS A 608 -13.86 -13.96 -15.42
CA LYS A 608 -15.16 -14.57 -15.20
C LYS A 608 -16.08 -13.64 -14.42
N LEU A 609 -15.54 -12.84 -13.50
CA LEU A 609 -16.37 -11.87 -12.78
C LEU A 609 -16.87 -10.76 -13.70
N ILE A 610 -16.05 -10.36 -14.67
CA ILE A 610 -16.48 -9.33 -15.62
C ILE A 610 -17.58 -9.87 -16.52
N ASN A 611 -17.39 -11.06 -17.08
CA ASN A 611 -18.40 -11.66 -17.94
C ASN A 611 -19.73 -11.82 -17.22
N LEU A 612 -19.69 -12.23 -15.96
CA LEU A 612 -20.92 -12.40 -15.18
C LEU A 612 -21.61 -11.07 -14.95
N THR A 613 -20.85 -10.06 -14.54
CA THR A 613 -21.45 -8.74 -14.30
C THR A 613 -21.94 -8.11 -15.61
N ASP A 614 -21.34 -8.47 -16.75
CA ASP A 614 -21.81 -7.96 -18.03
C ASP A 614 -23.16 -8.56 -18.38
N ILE A 615 -23.31 -9.87 -18.24
CA ILE A 615 -24.59 -10.51 -18.51
C ILE A 615 -25.64 -10.07 -17.50
N LEU A 616 -25.21 -9.73 -16.28
CA LEU A 616 -26.15 -9.30 -15.26
C LEU A 616 -26.77 -7.95 -15.59
N LYS A 617 -26.00 -7.06 -16.23
CA LYS A 617 -26.49 -5.73 -16.56
C LYS A 617 -27.24 -5.67 -17.88
N GLN A 618 -27.06 -6.65 -18.76
CA GLN A 618 -27.73 -6.65 -20.05
C GLN A 618 -28.96 -7.55 -20.09
N GLU A 619 -28.99 -8.61 -19.28
CA GLU A 619 -30.08 -9.57 -19.30
C GLU A 619 -31.06 -9.39 -18.14
N LYS A 620 -30.57 -9.11 -16.94
CA LYS A 620 -31.41 -9.02 -15.74
C LYS A 620 -31.19 -7.70 -15.02
N LYS A 621 -31.17 -6.60 -15.77
CA LYS A 621 -30.94 -5.30 -15.16
C LYS A 621 -32.20 -4.77 -14.47
N ASP A 622 -33.27 -4.56 -15.22
CA ASP A 622 -34.50 -4.03 -14.67
C ASP A 622 -35.25 -5.05 -13.82
N GLU A 623 -34.80 -6.30 -13.78
CA GLU A 623 -35.43 -7.31 -12.95
C GLU A 623 -35.20 -7.01 -11.47
N THR A 624 -36.09 -7.55 -10.64
CA THR A 624 -35.95 -7.36 -9.20
C THR A 624 -34.68 -8.04 -8.70
N GLN A 625 -34.23 -7.61 -7.51
CA GLN A 625 -32.99 -8.13 -6.97
C GLN A 625 -33.08 -9.62 -6.66
N LYS A 626 -34.29 -10.12 -6.35
CA LYS A 626 -34.47 -11.55 -6.16
C LYS A 626 -34.19 -12.32 -7.44
N VAL A 627 -34.75 -11.86 -8.56
CA VAL A 627 -34.54 -12.54 -9.84
C VAL A 627 -33.06 -12.50 -10.22
N GLN A 628 -32.39 -11.38 -9.94
CA GLN A 628 -30.96 -11.28 -10.22
C GLN A 628 -30.17 -12.30 -9.40
N MET A 629 -30.60 -12.53 -8.15
CA MET A 629 -29.89 -13.47 -7.30
C MET A 629 -30.01 -14.90 -7.81
N LYS A 630 -31.21 -15.29 -8.26
CA LYS A 630 -31.37 -16.63 -8.83
C LYS A 630 -30.48 -16.81 -10.05
N PHE A 631 -30.37 -15.77 -10.88
CA PHE A 631 -29.44 -15.82 -12.01
C PHE A 631 -27.99 -15.86 -11.53
N LEU A 632 -27.69 -15.18 -10.42
CA LEU A 632 -26.32 -15.14 -9.92
C LEU A 632 -25.90 -16.50 -9.36
N VAL A 633 -26.75 -17.11 -8.53
CA VAL A 633 -26.38 -18.36 -7.88
C VAL A 633 -26.27 -19.50 -8.91
N GLU A 634 -26.99 -19.40 -10.02
CA GLU A 634 -26.92 -20.46 -11.03
C GLU A 634 -25.62 -20.35 -11.82
N GLN A 635 -25.27 -19.14 -12.26
CA GLN A 635 -24.06 -18.96 -13.04
C GLN A 635 -22.79 -19.11 -12.22
N MET A 636 -22.89 -19.12 -10.89
CA MET A 636 -21.73 -19.30 -10.03
C MET A 636 -21.54 -20.74 -9.57
N ARG A 637 -22.61 -21.51 -9.43
CA ARG A 637 -22.50 -22.89 -8.98
C ARG A 637 -22.02 -23.84 -10.09
N ARG A 638 -21.92 -23.36 -11.33
CA ARG A 638 -21.41 -24.20 -12.40
C ARG A 638 -19.94 -24.53 -12.14
N PRO A 639 -19.46 -25.68 -12.63
CA PRO A 639 -18.09 -26.09 -12.28
C PRO A 639 -17.01 -25.20 -12.85
N ASP A 640 -17.18 -24.72 -14.09
CA ASP A 640 -16.14 -23.90 -14.71
C ASP A 640 -15.96 -22.58 -13.99
N PHE A 641 -17.02 -22.06 -13.37
CA PHE A 641 -16.88 -20.82 -12.59
C PHE A 641 -16.29 -21.10 -11.21
N MET A 642 -16.66 -22.23 -10.60
CA MET A 642 -16.14 -22.57 -9.28
C MET A 642 -14.65 -22.85 -9.33
N ASP A 643 -14.17 -23.45 -10.42
CA ASP A 643 -12.75 -23.78 -10.52
C ASP A 643 -11.90 -22.55 -10.81
N ALA A 644 -12.48 -21.52 -11.42
CA ALA A 644 -11.73 -20.32 -11.76
C ALA A 644 -11.74 -19.28 -10.63
N LEU A 645 -12.72 -19.34 -9.73
CA LEU A 645 -12.85 -18.37 -8.66
C LEU A 645 -12.39 -18.90 -7.31
N GLN A 646 -11.78 -20.10 -7.28
CA GLN A 646 -11.32 -20.70 -6.04
C GLN A 646 -9.89 -21.20 -6.22
N GLY A 647 -9.02 -20.82 -5.31
CA GLY A 647 -7.65 -21.31 -5.32
C GLY A 647 -6.67 -20.39 -6.02
N PHE A 648 -6.87 -19.08 -5.89
CA PHE A 648 -5.99 -18.11 -6.50
C PHE A 648 -5.69 -17.01 -5.47
N LEU A 649 -4.72 -16.15 -5.82
CA LEU A 649 -4.24 -15.12 -4.92
C LEU A 649 -5.06 -13.85 -5.07
N SER A 650 -5.27 -13.16 -3.96
CA SER A 650 -6.03 -11.92 -3.96
C SER A 650 -5.25 -10.83 -4.70
N PRO A 651 -5.83 -10.19 -5.73
CA PRO A 651 -5.13 -9.10 -6.40
C PRO A 651 -4.90 -7.89 -5.50
N LEU A 652 -5.77 -7.68 -4.50
CA LEU A 652 -5.55 -6.57 -3.56
C LEU A 652 -4.34 -6.81 -2.67
N ASN A 653 -4.03 -8.07 -2.39
CA ASN A 653 -2.88 -8.44 -1.59
C ASN A 653 -2.50 -9.88 -1.91
N PRO A 654 -1.41 -10.11 -2.64
CA PRO A 654 -1.05 -11.48 -3.03
C PRO A 654 -0.65 -12.37 -1.86
N ALA A 655 -0.38 -11.79 -0.69
CA ALA A 655 -0.11 -12.62 0.48
C ALA A 655 -1.38 -13.32 0.96
N HIS A 656 -2.54 -12.73 0.72
CA HIS A 656 -3.82 -13.30 1.13
C HIS A 656 -4.27 -14.29 0.06
N GLN A 657 -4.30 -15.58 0.40
CA GLN A 657 -4.81 -16.58 -0.52
C GLN A 657 -6.33 -16.66 -0.42
N LEU A 658 -6.96 -17.01 -1.54
CA LEU A 658 -8.42 -17.11 -1.64
C LEU A 658 -8.77 -18.56 -1.97
N GLY A 659 -9.17 -19.32 -0.95
CA GLY A 659 -9.55 -20.71 -1.15
C GLY A 659 -10.95 -20.87 -1.69
N ASN A 660 -11.74 -21.73 -1.05
CA ASN A 660 -13.12 -21.91 -1.47
C ASN A 660 -13.97 -20.74 -1.02
N LEU A 661 -14.94 -20.36 -1.85
CA LEU A 661 -15.79 -19.21 -1.57
C LEU A 661 -17.12 -19.67 -0.99
N ARG A 662 -17.62 -18.91 -0.03
CA ARG A 662 -18.89 -19.22 0.63
C ARG A 662 -20.01 -18.56 -0.17
N LEU A 663 -20.66 -19.34 -1.03
CA LEU A 663 -21.67 -18.78 -1.92
C LEU A 663 -22.83 -18.16 -1.16
N GLU A 664 -23.13 -18.66 0.03
CA GLU A 664 -24.23 -18.10 0.82
C GLU A 664 -23.94 -16.69 1.29
N GLU A 665 -22.67 -16.30 1.36
CA GLU A 665 -22.29 -14.94 1.75
C GLU A 665 -22.11 -14.01 0.55
N CYS A 666 -22.05 -14.56 -0.66
CA CYS A 666 -21.92 -13.73 -1.86
C CYS A 666 -23.27 -13.13 -2.23
N ARG A 667 -23.30 -11.82 -2.42
CA ARG A 667 -24.56 -11.13 -2.69
C ARG A 667 -24.32 -9.93 -3.59
N ILE A 668 -25.39 -9.49 -4.24
CA ILE A 668 -25.39 -8.26 -5.02
C ILE A 668 -25.77 -7.11 -4.10
N MET A 669 -24.89 -6.13 -3.98
CA MET A 669 -25.10 -5.04 -3.03
C MET A 669 -26.23 -4.13 -3.49
N SER A 670 -26.90 -3.51 -2.52
CA SER A 670 -27.97 -2.55 -2.79
C SER A 670 -27.43 -1.15 -3.06
N SER A 671 -26.29 -1.04 -3.73
CA SER A 671 -25.66 0.22 -4.07
C SER A 671 -25.82 0.49 -5.56
N ALA A 672 -24.99 1.39 -6.09
CA ALA A 672 -25.08 1.77 -7.49
C ALA A 672 -24.34 0.78 -8.37
N LYS A 673 -24.92 0.51 -9.55
CA LYS A 673 -24.34 -0.35 -10.58
C LYS A 673 -24.11 -1.78 -10.12
N ARG A 674 -24.82 -2.22 -9.09
CA ARG A 674 -24.84 -3.60 -8.61
C ARG A 674 -23.43 -4.14 -8.37
N PRO A 675 -22.76 -3.71 -7.29
CA PRO A 675 -21.44 -4.29 -6.98
C PRO A 675 -21.57 -5.70 -6.44
N LEU A 676 -20.57 -6.53 -6.76
CA LEU A 676 -20.53 -7.90 -6.30
C LEU A 676 -19.83 -7.98 -4.95
N TRP A 677 -20.55 -8.42 -3.92
CA TRP A 677 -19.98 -8.70 -2.62
C TRP A 677 -19.55 -10.16 -2.61
N LEU A 678 -18.25 -10.41 -2.62
CA LEU A 678 -17.70 -11.76 -2.69
C LEU A 678 -17.03 -12.12 -1.38
N ASN A 679 -17.14 -13.39 -1.00
CA ASN A 679 -16.63 -13.87 0.28
C ASN A 679 -15.91 -15.20 0.05
N TRP A 680 -14.58 -15.19 0.19
CA TRP A 680 -13.78 -16.40 0.16
C TRP A 680 -13.40 -16.80 1.58
N GLU A 681 -13.01 -18.07 1.73
CA GLU A 681 -12.48 -18.55 2.99
C GLU A 681 -10.94 -18.52 2.92
N ASN A 682 -10.33 -18.23 4.06
CA ASN A 682 -8.87 -18.18 4.16
C ASN A 682 -8.34 -19.60 4.32
N PRO A 683 -7.63 -20.13 3.32
CA PRO A 683 -7.14 -21.51 3.39
C PRO A 683 -5.94 -21.71 4.29
N ASP A 684 -5.52 -20.71 5.05
CA ASP A 684 -4.40 -20.87 5.98
C ASP A 684 -4.83 -21.71 7.17
N ILE A 685 -3.91 -22.56 7.65
CA ILE A 685 -4.23 -23.43 8.77
C ILE A 685 -4.53 -22.62 10.02
N MET A 686 -3.80 -21.51 10.23
CA MET A 686 -4.04 -20.61 11.35
C MET A 686 -4.81 -19.37 10.92
N SER A 687 -5.76 -19.54 10.00
CA SER A 687 -6.49 -18.39 9.45
C SER A 687 -7.29 -17.68 10.52
N GLU A 688 -7.74 -18.40 11.56
CA GLU A 688 -8.56 -17.79 12.60
C GLU A 688 -7.81 -16.68 13.33
N LEU A 689 -6.48 -16.77 13.41
CA LEU A 689 -5.70 -15.78 14.13
C LEU A 689 -5.57 -14.46 13.39
N LEU A 690 -5.90 -14.44 12.09
CA LEU A 690 -5.87 -13.20 11.31
C LEU A 690 -7.29 -12.85 10.86
N PHE A 691 -7.84 -13.59 9.89
CA PHE A 691 -9.24 -13.47 9.50
C PHE A 691 -9.62 -14.75 8.77
N GLN A 692 -10.86 -15.19 8.97
CA GLN A 692 -11.32 -16.46 8.41
C GLN A 692 -12.03 -16.30 7.07
N ASN A 693 -12.72 -15.20 6.84
CA ASN A 693 -13.40 -14.93 5.58
C ASN A 693 -12.83 -13.67 4.96
N ASN A 694 -12.36 -13.79 3.72
CA ASN A 694 -11.85 -12.65 2.97
C ASN A 694 -12.97 -12.09 2.11
N GLU A 695 -13.36 -10.85 2.37
CA GLU A 695 -14.47 -10.20 1.69
C GLU A 695 -13.94 -9.12 0.76
N ILE A 696 -14.33 -9.20 -0.52
CA ILE A 696 -13.88 -8.26 -1.54
C ILE A 696 -15.09 -7.82 -2.36
N ILE A 697 -15.16 -6.52 -2.66
CA ILE A 697 -16.23 -5.95 -3.48
C ILE A 697 -15.71 -5.80 -4.90
N PHE A 698 -16.39 -6.43 -5.86
CA PHE A 698 -16.05 -6.31 -7.27
C PHE A 698 -17.03 -5.32 -7.91
N LYS A 699 -16.50 -4.15 -8.29
CA LYS A 699 -17.32 -3.06 -8.82
C LYS A 699 -17.08 -2.92 -10.31
N ASN A 700 -18.13 -3.07 -11.10
CA ASN A 700 -18.06 -3.00 -12.56
C ASN A 700 -18.92 -1.84 -13.04
N GLY A 701 -18.31 -0.93 -13.78
CA GLY A 701 -19.02 0.21 -14.35
C GLY A 701 -18.54 1.57 -13.88
N ASP A 702 -17.77 1.66 -12.80
CA ASP A 702 -17.29 2.92 -12.28
C ASP A 702 -15.76 2.95 -12.30
N ASP A 703 -15.20 4.09 -12.67
CA ASP A 703 -13.75 4.28 -12.68
C ASP A 703 -13.24 4.38 -11.25
N LEU A 704 -12.46 3.38 -10.82
CA LEU A 704 -11.92 3.35 -9.47
C LEU A 704 -10.51 3.90 -9.37
N ARG A 705 -10.02 4.57 -10.43
CA ARG A 705 -8.70 5.17 -10.37
C ARG A 705 -8.69 6.36 -9.42
N GLN A 706 -9.78 7.13 -9.37
CA GLN A 706 -9.85 8.25 -8.46
C GLN A 706 -9.82 7.79 -7.01
N ASP A 707 -10.42 6.64 -6.71
CA ASP A 707 -10.37 6.11 -5.36
C ASP A 707 -8.96 5.62 -5.02
N MET A 708 -8.29 4.98 -5.96
CA MET A 708 -6.90 4.56 -5.74
C MET A 708 -6.03 5.75 -5.33
N LEU A 709 -6.10 6.84 -6.09
CA LEU A 709 -5.25 7.98 -5.82
C LEU A 709 -5.58 8.63 -4.48
N THR A 710 -6.87 8.81 -4.18
CA THR A 710 -7.25 9.40 -2.90
C THR A 710 -6.86 8.50 -1.74
N LEU A 711 -7.04 7.18 -1.90
CA LEU A 711 -6.63 6.26 -0.84
C LEU A 711 -5.11 6.22 -0.70
N GLN A 712 -4.39 6.36 -1.82
CA GLN A 712 -2.93 6.43 -1.73
C GLN A 712 -2.47 7.70 -1.03
N ILE A 713 -3.16 8.82 -1.26
CA ILE A 713 -2.80 10.06 -0.60
C ILE A 713 -3.13 9.99 0.88
N ILE A 714 -4.26 9.37 1.23
CA ILE A 714 -4.63 9.22 2.63
C ILE A 714 -3.57 8.40 3.37
N ARG A 715 -3.09 7.32 2.75
CA ARG A 715 -2.03 6.52 3.37
C ARG A 715 -0.77 7.35 3.56
N ILE A 716 -0.42 8.18 2.57
CA ILE A 716 0.79 8.99 2.67
C ILE A 716 0.63 10.07 3.74
N MET A 717 -0.54 10.69 3.81
CA MET A 717 -0.78 11.71 4.83
C MET A 717 -0.70 11.11 6.22
N GLU A 718 -1.22 9.89 6.39
CA GLU A 718 -1.15 9.23 7.70
C GLU A 718 0.28 8.97 8.11
N ASN A 719 1.13 8.53 7.16
CA ASN A 719 2.53 8.31 7.46
C ASN A 719 3.24 9.61 7.79
N ILE A 720 2.80 10.73 7.22
CA ILE A 720 3.35 12.03 7.58
C ILE A 720 3.01 12.37 9.03
N TRP A 721 1.72 12.25 9.37
CA TRP A 721 1.29 12.58 10.73
C TRP A 721 1.91 11.63 11.76
N GLN A 722 2.02 10.36 11.41
CA GLN A 722 2.51 9.37 12.37
C GLN A 722 3.97 9.63 12.74
N ASN A 723 4.82 9.84 11.74
CA ASN A 723 6.24 10.02 12.01
C ASN A 723 6.56 11.36 12.66
N GLN A 724 5.60 12.29 12.73
CA GLN A 724 5.81 13.54 13.43
C GLN A 724 5.33 13.49 14.88
N GLY A 725 4.51 12.51 15.22
CA GLY A 725 3.95 12.41 16.55
C GLY A 725 2.45 12.66 16.65
N LEU A 726 1.73 12.65 15.53
CA LEU A 726 0.29 12.87 15.51
C LEU A 726 -0.38 11.52 15.27
N ASP A 727 -0.94 10.94 16.33
CA ASP A 727 -1.60 9.63 16.24
C ASP A 727 -3.02 9.85 15.74
N LEU A 728 -3.16 9.98 14.42
CA LEU A 728 -4.46 10.06 13.75
C LEU A 728 -4.61 8.82 12.89
N ARG A 729 -5.55 7.97 13.24
CA ARG A 729 -5.69 6.66 12.60
C ARG A 729 -6.60 6.79 11.39
N MET A 730 -6.00 6.85 10.20
CA MET A 730 -6.75 6.77 8.96
C MET A 730 -6.91 5.30 8.55
N LEU A 731 -7.87 5.05 7.68
CA LEU A 731 -8.16 3.70 7.20
C LEU A 731 -8.14 3.70 5.68
N PRO A 732 -6.94 3.64 5.08
CA PRO A 732 -6.82 3.57 3.60
C PRO A 732 -7.00 2.14 3.09
N TYR A 733 -8.25 1.73 2.95
CA TYR A 733 -8.56 0.36 2.54
C TYR A 733 -8.07 0.12 1.11
N GLY A 734 -7.98 -1.16 0.76
CA GLY A 734 -7.45 -1.53 -0.54
C GLY A 734 -8.41 -1.20 -1.66
N CYS A 735 -7.83 -0.88 -2.82
CA CYS A 735 -8.60 -0.57 -4.02
C CYS A 735 -7.66 -0.69 -5.21
N LEU A 736 -8.02 -1.51 -6.19
CA LEU A 736 -7.14 -1.80 -7.33
C LEU A 736 -7.98 -1.82 -8.59
N SER A 737 -7.77 -0.84 -9.47
CA SER A 737 -8.38 -0.87 -10.78
C SER A 737 -7.71 -1.95 -11.63
N ILE A 738 -8.53 -2.81 -12.24
CA ILE A 738 -8.04 -3.93 -13.01
C ILE A 738 -8.36 -3.82 -14.49
N GLY A 739 -8.91 -2.68 -14.92
CA GLY A 739 -9.23 -2.51 -16.33
C GLY A 739 -10.10 -1.29 -16.55
N ASP A 740 -10.96 -1.38 -17.56
CA ASP A 740 -11.81 -0.27 -17.98
C ASP A 740 -12.99 -0.18 -17.03
N CYS A 741 -12.85 0.67 -16.00
CA CYS A 741 -13.90 0.91 -15.01
C CYS A 741 -14.30 -0.37 -14.28
N VAL A 742 -13.33 -1.23 -14.02
CA VAL A 742 -13.53 -2.43 -13.21
C VAL A 742 -12.43 -2.47 -12.16
N GLY A 743 -12.79 -2.87 -10.94
CA GLY A 743 -11.80 -2.90 -9.88
C GLY A 743 -12.30 -3.67 -8.67
N LEU A 744 -11.43 -3.74 -7.67
CA LEU A 744 -11.70 -4.47 -6.44
C LEU A 744 -11.63 -3.52 -5.26
N ILE A 745 -12.56 -3.68 -4.31
CA ILE A 745 -12.59 -2.88 -3.10
C ILE A 745 -12.40 -3.81 -1.92
N GLU A 746 -11.44 -3.48 -1.05
CA GLU A 746 -11.23 -4.26 0.16
C GLU A 746 -12.33 -3.95 1.17
N VAL A 747 -12.90 -5.01 1.74
CA VAL A 747 -13.92 -4.87 2.78
C VAL A 747 -13.24 -4.84 4.14
N VAL A 748 -13.52 -3.80 4.92
CA VAL A 748 -13.09 -3.74 6.30
C VAL A 748 -14.19 -4.30 7.17
N ARG A 749 -13.81 -5.08 8.17
CA ARG A 749 -14.77 -5.82 8.99
C ARG A 749 -15.28 -4.96 10.15
N ASN A 750 -16.48 -5.30 10.62
CA ASN A 750 -17.10 -4.67 11.78
C ASN A 750 -17.29 -3.16 11.58
N SER A 751 -17.51 -2.74 10.33
CA SER A 751 -17.74 -1.34 10.01
C SER A 751 -19.18 -1.15 9.53
N HIS A 752 -19.76 -0.01 9.89
CA HIS A 752 -21.14 0.30 9.53
C HIS A 752 -21.24 1.77 9.16
N THR A 753 -22.09 2.07 8.18
CA THR A 753 -22.29 3.45 7.76
C THR A 753 -23.16 4.18 8.79
N ILE A 754 -23.16 5.51 8.69
CA ILE A 754 -23.95 6.32 9.61
C ILE A 754 -25.43 6.05 9.43
N MET A 755 -25.88 5.89 8.19
CA MET A 755 -27.28 5.61 7.93
C MET A 755 -27.68 4.25 8.49
N GLN A 756 -26.78 3.27 8.43
CA GLN A 756 -27.06 1.98 9.04
C GLN A 756 -27.08 2.09 10.56
N ILE A 757 -26.15 2.84 11.13
CA ILE A 757 -26.11 3.02 12.58
C ILE A 757 -27.35 3.77 13.06
N GLN A 758 -27.81 4.74 12.29
CA GLN A 758 -28.99 5.51 12.68
C GLN A 758 -30.24 4.63 12.70
N CYS A 759 -30.36 3.71 11.74
CA CYS A 759 -31.51 2.81 11.70
C CYS A 759 -31.43 1.74 12.78
N LYS A 760 -30.23 1.43 13.27
CA LYS A 760 -30.05 0.42 14.32
C LYS A 760 -30.20 1.02 15.72
N GLY A 761 -31.26 1.81 15.90
CA GLY A 761 -31.53 2.44 17.18
C GLY A 761 -32.56 3.55 17.10
N ASN A 770 -32.56 10.73 18.08
CA ASN A 770 -32.15 10.62 16.69
C ASN A 770 -30.71 11.09 16.52
N SER A 771 -30.34 12.16 17.22
CA SER A 771 -28.99 12.72 17.11
C SER A 771 -28.01 11.98 18.01
N HIS A 772 -28.41 11.67 19.24
CA HIS A 772 -27.54 10.96 20.18
C HIS A 772 -27.47 9.46 19.90
N THR A 773 -28.04 8.99 18.79
CA THR A 773 -28.02 7.56 18.49
C THR A 773 -26.60 7.07 18.23
N LEU A 774 -25.80 7.87 17.52
CA LEU A 774 -24.41 7.47 17.26
C LEU A 774 -23.60 7.40 18.54
N HIS A 775 -23.79 8.36 19.44
CA HIS A 775 -23.07 8.35 20.71
C HIS A 775 -23.43 7.12 21.53
N GLN A 776 -24.72 6.78 21.59
CA GLN A 776 -25.13 5.58 22.31
C GLN A 776 -24.67 4.31 21.61
N TRP A 777 -24.49 4.37 20.29
CA TRP A 777 -24.08 3.18 19.55
C TRP A 777 -22.67 2.73 19.92
N LEU A 778 -21.81 3.68 20.31
CA LEU A 778 -20.45 3.32 20.72
C LEU A 778 -20.40 2.84 22.16
N LYS A 779 -21.19 3.47 23.05
CA LYS A 779 -21.19 3.05 24.44
C LYS A 779 -21.74 1.64 24.60
N ASP A 780 -22.62 1.21 23.71
CA ASP A 780 -23.12 -0.17 23.76
C ASP A 780 -22.04 -1.16 23.32
N LYS A 781 -21.19 -0.78 22.37
CA LYS A 781 -20.16 -1.66 21.84
C LYS A 781 -18.79 -1.38 22.44
N ASN A 782 -18.72 -0.53 23.48
CA ASN A 782 -17.49 -0.28 24.21
C ASN A 782 -17.85 -0.06 25.67
N LYS A 783 -17.32 -0.90 26.55
CA LYS A 783 -17.66 -0.84 27.98
C LYS A 783 -17.24 0.48 28.60
N GLY A 784 -17.59 0.67 29.89
CA GLY A 784 -17.24 1.91 30.57
C GLY A 784 -15.74 2.14 30.66
N GLU A 785 -14.95 1.07 30.63
CA GLU A 785 -13.50 1.22 30.63
C GLU A 785 -12.96 1.45 29.22
N ILE A 786 -13.52 0.77 28.22
CA ILE A 786 -13.12 0.99 26.83
C ILE A 786 -13.77 2.22 26.23
N TYR A 787 -14.71 2.84 26.93
CA TYR A 787 -15.38 4.03 26.40
C TYR A 787 -14.39 5.13 26.07
N ASP A 788 -13.45 5.40 26.98
CA ASP A 788 -12.47 6.45 26.74
C ASP A 788 -11.54 6.13 25.57
N ALA A 789 -11.26 4.84 25.35
CA ALA A 789 -10.45 4.46 24.20
C ALA A 789 -11.23 4.55 22.90
N ALA A 790 -12.55 4.41 22.95
CA ALA A 790 -13.36 4.46 21.74
C ALA A 790 -13.60 5.90 21.30
N ILE A 791 -13.90 6.81 22.23
CA ILE A 791 -14.10 8.20 21.86
C ILE A 791 -12.78 8.84 21.44
N ASP A 792 -11.67 8.37 22.00
CA ASP A 792 -10.36 8.89 21.60
C ASP A 792 -10.06 8.50 20.16
N LEU A 793 -10.22 7.22 19.82
CA LEU A 793 -10.05 6.78 18.45
C LEU A 793 -11.02 7.47 17.50
N PHE A 794 -12.19 7.86 18.00
CA PHE A 794 -13.16 8.56 17.16
C PHE A 794 -12.71 9.99 16.87
N THR A 795 -12.23 10.70 17.88
CA THR A 795 -11.81 12.08 17.68
C THR A 795 -10.56 12.15 16.81
N ARG A 796 -9.63 11.21 16.97
CA ARG A 796 -8.40 11.24 16.19
C ARG A 796 -8.63 10.86 14.74
N SER A 797 -9.59 9.97 14.47
CA SER A 797 -9.91 9.62 13.10
C SER A 797 -10.71 10.72 12.41
N CYS A 798 -11.54 11.46 13.15
CA CYS A 798 -12.27 12.58 12.56
C CYS A 798 -11.32 13.71 12.18
N ALA A 799 -10.36 14.02 13.06
CA ALA A 799 -9.43 15.10 12.77
C ALA A 799 -8.63 14.82 11.50
N GLY A 800 -8.32 13.55 11.24
CA GLY A 800 -7.59 13.21 10.03
C GLY A 800 -8.42 13.39 8.78
N TYR A 801 -9.65 12.85 8.77
CA TYR A 801 -10.49 12.97 7.60
C TYR A 801 -11.07 14.37 7.45
N CYS A 802 -11.22 15.11 8.56
CA CYS A 802 -11.65 16.50 8.44
C CYS A 802 -10.59 17.33 7.72
N VAL A 803 -9.32 17.02 7.94
CA VAL A 803 -8.24 17.76 7.28
C VAL A 803 -7.97 17.18 5.89
N ALA A 804 -8.01 15.86 5.76
CA ALA A 804 -7.69 15.23 4.48
C ALA A 804 -8.71 15.60 3.40
N THR A 805 -10.00 15.52 3.75
CA THR A 805 -11.04 15.81 2.75
C THR A 805 -11.07 17.29 2.38
N PHE A 806 -10.69 18.18 3.30
CA PHE A 806 -10.69 19.61 2.99
C PHE A 806 -9.57 19.96 2.02
N ILE A 807 -8.37 19.43 2.25
CA ILE A 807 -7.23 19.75 1.39
C ILE A 807 -7.46 19.21 -0.02
N LEU A 808 -7.91 17.96 -0.12
CA LEU A 808 -8.10 17.33 -1.41
C LEU A 808 -9.43 17.70 -2.08
N GLY A 809 -10.34 18.34 -1.35
CA GLY A 809 -11.64 18.70 -1.90
C GLY A 809 -12.39 17.52 -2.50
N ILE A 810 -12.60 16.48 -1.70
CA ILE A 810 -13.26 15.27 -2.18
C ILE A 810 -14.75 15.54 -2.27
N GLY A 811 -15.51 14.53 -2.72
CA GLY A 811 -16.95 14.67 -2.79
C GLY A 811 -17.57 14.91 -1.43
N ASP A 812 -18.77 15.49 -1.45
CA ASP A 812 -19.45 15.87 -0.22
C ASP A 812 -19.80 14.63 0.60
N ARG A 813 -19.57 14.72 1.91
CA ARG A 813 -19.83 13.62 2.82
C ARG A 813 -21.27 13.66 3.32
N HIS A 814 -21.87 12.49 3.46
CA HIS A 814 -23.22 12.36 3.99
C HIS A 814 -23.31 11.08 4.80
N ASN A 815 -24.53 10.73 5.23
CA ASN A 815 -24.72 9.61 6.15
C ASN A 815 -24.41 8.26 5.52
N SER A 816 -24.29 8.19 4.19
CA SER A 816 -23.91 6.95 3.53
C SER A 816 -22.47 6.96 3.05
N ASN A 817 -21.79 8.10 3.12
CA ASN A 817 -20.37 8.20 2.75
C ASN A 817 -19.43 7.93 3.90
N ILE A 818 -19.93 7.95 5.14
CA ILE A 818 -19.11 7.86 6.34
C ILE A 818 -19.41 6.54 7.04
N MET A 819 -18.36 5.80 7.39
CA MET A 819 -18.49 4.51 8.06
C MET A 819 -17.71 4.53 9.37
N VAL A 820 -18.22 3.77 10.35
CA VAL A 820 -17.62 3.68 11.67
C VAL A 820 -17.49 2.21 12.05
N LYS A 821 -16.36 1.86 12.68
CA LYS A 821 -16.13 0.51 13.15
C LYS A 821 -16.69 0.34 14.56
N ASP A 822 -16.60 -0.89 15.08
CA ASP A 822 -17.06 -1.15 16.45
C ASP A 822 -16.19 -0.45 17.48
N ASP A 823 -14.88 -0.42 17.26
CA ASP A 823 -13.96 0.21 18.19
C ASP A 823 -14.07 1.72 18.21
N GLY A 824 -14.74 2.32 17.22
CA GLY A 824 -14.87 3.76 17.13
C GLY A 824 -14.03 4.42 16.07
N GLN A 825 -13.46 3.66 15.14
CA GLN A 825 -12.64 4.24 14.07
C GLN A 825 -13.53 4.69 12.92
N LEU A 826 -13.36 5.95 12.51
CA LEU A 826 -14.17 6.54 11.46
C LEU A 826 -13.36 6.69 10.17
N PHE A 827 -14.04 6.60 9.05
CA PHE A 827 -13.40 6.73 7.74
C PHE A 827 -14.46 7.00 6.68
N HIS A 828 -14.00 7.25 5.47
CA HIS A 828 -14.86 7.52 4.32
C HIS A 828 -14.63 6.44 3.26
N ILE A 829 -15.57 6.32 2.33
CA ILE A 829 -15.52 5.24 1.35
C ILE A 829 -15.77 5.73 -0.07
N ASP A 830 -16.66 6.71 -0.24
CA ASP A 830 -17.14 7.07 -1.57
C ASP A 830 -16.02 7.59 -2.45
N PHE A 831 -15.52 8.80 -2.15
CA PHE A 831 -14.43 9.42 -2.92
C PHE A 831 -14.79 9.54 -4.39
N GLY A 832 -15.79 10.37 -4.65
CA GLY A 832 -16.26 10.59 -6.00
C GLY A 832 -15.26 11.33 -6.86
N HIS A 833 -15.01 12.59 -6.53
CA HIS A 833 -14.08 13.43 -7.27
C HIS A 833 -13.29 14.30 -6.28
N PHE A 834 -11.99 14.39 -6.51
CA PHE A 834 -11.11 15.21 -5.69
C PHE A 834 -10.80 16.51 -6.42
N LEU A 835 -10.07 17.39 -5.73
CA LEU A 835 -9.74 18.73 -6.23
C LEU A 835 -11.05 19.49 -6.47
N ASP A 836 -11.09 20.33 -7.49
CA ASP A 836 -12.32 21.07 -7.78
C ASP A 836 -13.38 20.12 -8.35
N HIS A 837 -14.62 20.58 -8.29
CA HIS A 837 -15.74 19.80 -8.82
C HIS A 837 -15.61 19.57 -10.33
N ARG A 846 -14.14 30.56 -0.06
CA ARG A 846 -15.24 29.79 -0.62
C ARG A 846 -14.78 28.44 -1.16
N GLU A 847 -13.84 27.82 -0.45
CA GLU A 847 -13.42 26.46 -0.79
C GLU A 847 -14.38 25.45 -0.18
N ARG A 848 -14.53 24.32 -0.87
CA ARG A 848 -15.51 23.31 -0.48
C ARG A 848 -15.04 22.54 0.75
N VAL A 849 -15.92 22.43 1.75
CA VAL A 849 -15.67 21.62 2.93
C VAL A 849 -16.55 20.38 2.84
N PRO A 850 -16.04 19.26 2.32
CA PRO A 850 -16.91 18.08 2.16
C PRO A 850 -17.32 17.44 3.46
N PHE A 851 -16.41 17.37 4.43
CA PHE A 851 -16.72 16.81 5.75
C PHE A 851 -17.18 17.94 6.66
N VAL A 852 -18.49 18.01 6.92
CA VAL A 852 -19.06 19.13 7.66
C VAL A 852 -19.15 18.87 9.16
N LEU A 853 -18.95 17.63 9.61
CA LEU A 853 -19.02 17.28 11.02
C LEU A 853 -20.36 17.70 11.62
N THR A 854 -21.41 16.95 11.33
CA THR A 854 -22.74 17.28 11.83
C THR A 854 -22.77 17.17 13.36
N GLN A 855 -23.91 17.60 13.93
CA GLN A 855 -24.07 17.60 15.37
C GLN A 855 -24.00 16.20 15.97
N ASP A 856 -24.27 15.17 15.18
CA ASP A 856 -24.13 13.80 15.67
C ASP A 856 -22.68 13.48 16.00
N PHE A 857 -21.75 13.93 15.17
CA PHE A 857 -20.34 13.69 15.43
C PHE A 857 -19.85 14.53 16.60
N LEU A 858 -20.35 15.76 16.73
CA LEU A 858 -19.93 16.62 17.82
C LEU A 858 -20.32 16.06 19.17
N ILE A 859 -21.46 15.37 19.25
CA ILE A 859 -21.87 14.73 20.50
C ILE A 859 -20.84 13.67 20.91
N VAL A 860 -20.35 12.89 19.94
CA VAL A 860 -19.41 11.83 20.26
C VAL A 860 -18.06 12.41 20.66
N ILE A 861 -17.63 13.49 20.01
CA ILE A 861 -16.33 14.08 20.30
C ILE A 861 -16.29 14.67 21.70
N SER A 862 -17.36 15.33 22.11
CA SER A 862 -17.43 15.98 23.41
C SER A 862 -18.17 15.16 24.46
N LYS A 863 -18.44 13.89 24.17
CA LYS A 863 -19.12 12.96 25.10
C LYS A 863 -20.47 13.59 25.47
N GLY A 864 -20.93 13.43 26.71
CA GLY A 864 -22.11 14.15 27.16
C GLY A 864 -21.85 15.64 27.16
N ALA A 865 -22.47 16.37 26.23
CA ALA A 865 -22.18 17.77 26.03
C ALA A 865 -23.48 18.57 25.87
N GLN A 866 -23.55 19.71 26.55
CA GLN A 866 -24.70 20.58 26.39
C GLN A 866 -24.69 21.27 25.04
N GLU A 867 -23.54 21.84 24.64
CA GLU A 867 -23.42 22.56 23.39
C GLU A 867 -22.26 22.07 22.53
N CYS A 868 -21.65 20.94 22.88
CA CYS A 868 -20.54 20.34 22.12
C CYS A 868 -19.31 21.22 22.09
N THR A 869 -19.46 22.49 21.70
CA THR A 869 -18.35 23.42 21.65
C THR A 869 -17.98 23.86 23.07
N LYS A 870 -17.09 24.85 23.16
CA LYS A 870 -16.52 25.36 24.42
C LYS A 870 -16.26 24.24 25.42
N THR A 871 -15.63 23.16 24.93
CA THR A 871 -15.29 22.01 25.73
C THR A 871 -13.85 21.61 25.45
N ARG A 872 -13.13 21.19 26.49
CA ARG A 872 -11.74 20.77 26.32
C ARG A 872 -11.63 19.61 25.33
N GLU A 873 -12.63 18.73 25.28
CA GLU A 873 -12.63 17.67 24.28
C GLU A 873 -12.66 18.24 22.87
N PHE A 874 -13.45 19.30 22.66
CA PHE A 874 -13.50 19.93 21.36
C PHE A 874 -12.27 20.80 21.10
N GLU A 875 -11.74 21.44 22.16
CA GLU A 875 -10.52 22.24 22.01
C GLU A 875 -9.33 21.36 21.65
N ARG A 876 -9.25 20.16 22.25
CA ARG A 876 -8.21 19.21 21.86
C ARG A 876 -8.47 18.63 20.47
N PHE A 877 -9.72 18.64 20.00
CA PHE A 877 -9.99 18.22 18.64
C PHE A 877 -9.56 19.30 17.64
N GLN A 878 -9.72 20.57 18.02
CA GLN A 878 -9.25 21.66 17.18
C GLN A 878 -7.72 21.65 17.05
N GLU A 879 -7.03 21.30 18.14
CA GLU A 879 -5.57 21.23 18.09
C GLU A 879 -5.10 20.11 17.19
N MET A 880 -5.82 18.98 17.17
CA MET A 880 -5.43 17.88 16.30
C MET A 880 -5.57 18.25 14.83
N CYS A 881 -6.54 19.10 14.49
CA CYS A 881 -6.71 19.52 13.11
C CYS A 881 -5.65 20.54 12.70
N TYR A 882 -5.34 21.49 13.58
CA TYR A 882 -4.34 22.51 13.26
C TYR A 882 -2.97 21.87 13.06
N LYS A 883 -2.58 20.95 13.94
CA LYS A 883 -1.28 20.31 13.82
C LYS A 883 -1.21 19.42 12.59
N ALA A 884 -2.32 18.76 12.25
CA ALA A 884 -2.33 17.91 11.06
C ALA A 884 -2.33 18.76 9.79
N TYR A 885 -3.03 19.89 9.81
CA TYR A 885 -3.11 20.75 8.64
C TYR A 885 -1.73 21.31 8.29
N LEU A 886 -1.05 21.90 9.28
CA LEU A 886 0.28 22.45 9.03
C LEU A 886 1.32 21.37 8.77
N ALA A 887 1.05 20.13 9.17
CA ALA A 887 1.97 19.04 8.84
C ALA A 887 1.92 18.70 7.37
N ILE A 888 0.71 18.64 6.79
CA ILE A 888 0.57 18.37 5.36
C ILE A 888 1.03 19.57 4.55
N ARG A 889 0.79 20.79 5.06
CA ARG A 889 1.24 21.99 4.36
C ARG A 889 2.76 22.02 4.24
N GLN A 890 3.48 21.51 5.24
CA GLN A 890 4.94 21.47 5.18
C GLN A 890 5.44 20.49 4.13
N HIS A 891 4.60 19.58 3.67
CA HIS A 891 4.95 18.63 2.62
C HIS A 891 4.17 18.87 1.33
N ALA A 892 3.84 20.13 1.06
CA ALA A 892 3.00 20.45 -0.08
C ALA A 892 3.66 20.04 -1.40
N ASN A 893 4.97 20.22 -1.50
CA ASN A 893 5.67 19.90 -2.74
C ASN A 893 5.52 18.43 -3.11
N LEU A 894 5.44 17.55 -2.11
CA LEU A 894 5.31 16.12 -2.39
C LEU A 894 3.99 15.81 -3.07
N PHE A 895 2.87 16.25 -2.49
CA PHE A 895 1.56 15.95 -3.06
C PHE A 895 1.38 16.62 -4.41
N ILE A 896 1.89 17.85 -4.55
CA ILE A 896 1.85 18.52 -5.86
C ILE A 896 2.62 17.71 -6.89
N ASN A 897 3.81 17.21 -6.51
CA ASN A 897 4.57 16.37 -7.42
C ASN A 897 3.86 15.04 -7.68
N LEU A 898 3.13 14.52 -6.69
CA LEU A 898 2.37 13.30 -6.92
C LEU A 898 1.19 13.52 -7.84
N PHE A 899 0.58 14.71 -7.80
CA PHE A 899 -0.48 15.04 -8.74
C PHE A 899 0.07 15.33 -10.13
N SER A 900 1.23 15.97 -10.20
CA SER A 900 1.81 16.33 -11.49
C SER A 900 2.10 15.10 -12.34
N MET A 901 2.53 14.01 -11.71
CA MET A 901 2.85 12.79 -12.43
C MET A 901 1.61 12.05 -12.91
N MET A 902 0.42 12.49 -12.51
CA MET A 902 -0.84 11.84 -12.88
C MET A 902 -1.57 12.55 -14.02
N LEU A 903 -1.00 13.64 -14.55
CA LEU A 903 -1.70 14.39 -15.60
C LEU A 903 -1.83 13.59 -16.88
N GLY A 904 -0.85 12.74 -17.19
CA GLY A 904 -0.93 11.91 -18.38
C GLY A 904 -1.98 10.82 -18.33
N SER A 905 -2.62 10.64 -17.18
CA SER A 905 -3.67 9.63 -17.05
C SER A 905 -4.99 10.17 -17.55
N GLY A 906 -5.96 9.27 -17.71
CA GLY A 906 -7.25 9.64 -18.22
C GLY A 906 -8.15 10.27 -17.17
N MET A 907 -7.56 10.67 -16.04
CA MET A 907 -8.31 11.26 -14.94
C MET A 907 -9.01 12.53 -15.41
N PRO A 908 -10.35 12.54 -15.43
CA PRO A 908 -11.06 13.75 -15.89
C PRO A 908 -10.82 14.96 -15.01
N GLU A 909 -10.43 14.76 -13.75
CA GLU A 909 -10.14 15.84 -12.83
C GLU A 909 -8.64 16.06 -12.63
N LEU A 910 -7.83 15.53 -13.53
CA LEU A 910 -6.39 15.74 -13.49
C LEU A 910 -5.84 15.84 -14.90
N GLN A 911 -6.41 16.75 -15.69
CA GLN A 911 -5.97 16.99 -17.06
C GLN A 911 -5.04 18.19 -17.18
N SER A 912 -5.38 19.30 -16.53
CA SER A 912 -4.61 20.53 -16.61
C SER A 912 -3.93 20.81 -15.28
N PHE A 913 -2.95 21.72 -15.32
CA PHE A 913 -2.30 22.18 -14.10
C PHE A 913 -3.20 23.07 -13.25
N ASP A 914 -4.39 23.41 -13.73
CA ASP A 914 -5.32 24.21 -12.95
C ASP A 914 -6.01 23.38 -11.87
N ASP A 915 -6.24 22.10 -12.14
CA ASP A 915 -6.83 21.22 -11.12
C ASP A 915 -5.88 21.01 -9.96
N ILE A 916 -4.58 20.85 -10.25
CA ILE A 916 -3.59 20.68 -9.19
C ILE A 916 -3.48 21.94 -8.35
N ALA A 917 -3.83 23.10 -8.92
CA ALA A 917 -3.78 24.35 -8.17
C ALA A 917 -4.80 24.40 -7.04
N TYR A 918 -5.72 23.44 -6.96
CA TYR A 918 -6.71 23.45 -5.90
C TYR A 918 -6.07 23.26 -4.54
N ILE A 919 -5.16 22.28 -4.42
CA ILE A 919 -4.47 22.06 -3.16
C ILE A 919 -3.60 23.25 -2.78
N ARG A 920 -3.17 24.04 -3.78
CA ARG A 920 -2.44 25.27 -3.47
C ARG A 920 -3.32 26.27 -2.76
N LYS A 921 -4.64 26.24 -3.02
CA LYS A 921 -5.57 27.12 -2.30
C LYS A 921 -5.86 26.59 -0.90
N THR A 922 -6.22 25.30 -0.80
CA THR A 922 -6.59 24.73 0.49
C THR A 922 -5.43 24.72 1.46
N LEU A 923 -4.20 24.67 0.95
CA LEU A 923 -3.02 24.73 1.80
C LEU A 923 -2.52 26.14 2.03
N ALA A 924 -3.04 27.12 1.29
CA ALA A 924 -2.67 28.53 1.45
C ALA A 924 -1.16 28.72 1.35
N LEU A 925 -0.58 28.18 0.26
CA LEU A 925 0.87 28.16 0.11
C LEU A 925 1.46 29.55 -0.04
N ASP A 926 0.68 30.53 -0.50
CA ASP A 926 1.20 31.88 -0.69
C ASP A 926 1.22 32.70 0.60
N LYS A 927 0.66 32.18 1.69
CA LYS A 927 0.60 32.89 2.95
C LYS A 927 1.57 32.26 3.95
N THR A 928 1.85 33.01 5.01
CA THR A 928 2.70 32.50 6.08
C THR A 928 1.98 31.41 6.87
N GLU A 929 2.74 30.73 7.73
CA GLU A 929 2.17 29.63 8.51
C GLU A 929 1.11 30.14 9.48
N GLN A 930 1.34 31.32 10.06
CA GLN A 930 0.33 31.93 10.93
C GLN A 930 -0.94 32.25 10.15
N GLU A 931 -0.79 32.81 8.94
CA GLU A 931 -1.96 33.17 8.14
C GLU A 931 -2.64 31.94 7.57
N ALA A 932 -1.87 30.92 7.19
CA ALA A 932 -2.47 29.71 6.64
C ALA A 932 -3.30 28.98 7.69
N LEU A 933 -3.00 29.17 8.96
CA LEU A 933 -3.81 28.57 10.02
C LEU A 933 -5.13 29.32 10.18
N GLU A 934 -5.06 30.66 10.21
CA GLU A 934 -6.29 31.46 10.29
C GLU A 934 -7.19 31.21 9.08
N TYR A 935 -6.61 30.91 7.93
CA TYR A 935 -7.40 30.56 6.75
C TYR A 935 -8.21 29.29 7.00
N PHE A 936 -7.53 28.21 7.39
CA PHE A 936 -8.22 26.95 7.65
C PHE A 936 -9.26 27.11 8.74
N MET A 937 -8.98 27.96 9.74
CA MET A 937 -9.95 28.20 10.80
C MET A 937 -11.21 28.90 10.30
N LYS A 938 -11.13 29.58 9.15
CA LYS A 938 -12.30 30.31 8.67
C LYS A 938 -13.27 29.40 7.92
N GLN A 939 -12.76 28.56 7.02
CA GLN A 939 -13.64 27.66 6.29
C GLN A 939 -14.32 26.65 7.20
N MET A 940 -13.64 26.25 8.28
CA MET A 940 -14.29 25.39 9.26
C MET A 940 -15.40 26.13 9.98
N ASN A 941 -15.16 27.40 10.34
CA ASN A 941 -16.20 28.20 10.98
C ASN A 941 -17.34 28.48 10.02
N ASP A 942 -17.04 28.72 8.74
CA ASP A 942 -18.08 29.00 7.76
C ASP A 942 -18.92 27.76 7.48
N ALA A 943 -18.28 26.60 7.38
CA ALA A 943 -19.00 25.36 7.12
C ALA A 943 -19.78 24.87 8.33
N HIS A 944 -19.37 25.25 9.54
CA HIS A 944 -20.02 24.80 10.76
C HIS A 944 -20.86 25.89 11.42
N HIS A 945 -20.88 27.10 10.86
CA HIS A 945 -21.69 28.21 11.36
C HIS A 945 -21.31 28.57 12.80
N GLY A 946 -20.02 28.46 13.10
CA GLY A 946 -19.49 28.79 14.41
C GLY A 946 -18.59 27.71 14.94
N GLY A 947 -18.09 27.95 16.16
CA GLY A 947 -17.23 27.01 16.84
C GLY A 947 -15.75 27.16 16.55
N TRP A 948 -15.38 27.95 15.54
CA TRP A 948 -13.99 28.17 15.17
C TRP A 948 -13.70 29.67 15.10
N THR A 949 -14.02 30.38 16.19
CA THR A 949 -13.81 31.82 16.23
C THR A 949 -12.49 32.14 16.95
N THR A 950 -12.50 32.09 18.28
CA THR A 950 -11.32 32.32 19.12
C THR A 950 -10.69 33.68 18.85
N LYS A 951 -11.49 34.67 18.47
CA LYS A 951 -11.00 36.02 18.23
C LYS A 951 -11.67 37.02 19.16
N THR B 4 0.24 -39.57 20.03
CA THR B 4 -0.95 -39.07 20.72
C THR B 4 -1.95 -40.20 20.95
N SER B 5 -3.22 -39.83 21.16
CA SER B 5 -4.31 -40.79 21.37
C SER B 5 -5.47 -40.38 20.48
N ALA B 6 -5.66 -41.10 19.38
CA ALA B 6 -6.74 -40.80 18.45
C ALA B 6 -8.08 -41.14 19.10
N VAL B 7 -8.95 -40.14 19.21
CA VAL B 7 -10.23 -40.28 19.89
C VAL B 7 -11.28 -40.77 18.91
N PRO B 8 -12.17 -41.68 19.32
CA PRO B 8 -13.30 -42.05 18.45
C PRO B 8 -14.36 -40.95 18.39
N SER B 9 -15.49 -41.25 17.77
CA SER B 9 -16.60 -40.30 17.59
C SER B 9 -16.07 -39.08 16.84
N ASP B 10 -16.62 -37.91 17.13
CA ASP B 10 -16.21 -36.66 16.50
C ASP B 10 -16.81 -35.50 17.26
N ASN B 11 -16.26 -34.31 17.02
CA ASN B 11 -16.71 -33.07 17.65
C ASN B 11 -16.71 -33.21 19.18
N LEU B 12 -15.51 -33.46 19.71
CA LEU B 12 -15.36 -33.66 21.13
C LEU B 12 -15.57 -32.35 21.89
N PRO B 13 -16.14 -32.41 23.09
CA PRO B 13 -16.22 -31.20 23.91
C PRO B 13 -14.84 -30.69 24.28
N THR B 14 -14.69 -29.37 24.27
CA THR B 14 -13.42 -28.72 24.58
C THR B 14 -13.61 -27.84 25.81
N TYR B 15 -12.79 -28.07 26.83
CA TYR B 15 -12.85 -27.34 28.08
C TYR B 15 -11.66 -26.40 28.17
N LYS B 16 -11.93 -25.10 28.21
CA LYS B 16 -10.87 -24.09 28.33
C LYS B 16 -10.60 -23.87 29.82
N LEU B 17 -9.76 -24.73 30.38
CA LEU B 17 -9.40 -24.62 31.79
C LEU B 17 -8.29 -23.58 31.95
N VAL B 18 -8.52 -22.60 32.81
CA VAL B 18 -7.60 -21.49 33.02
C VAL B 18 -7.01 -21.60 34.43
N VAL B 19 -5.69 -21.60 34.52
CA VAL B 19 -4.98 -21.73 35.78
C VAL B 19 -4.46 -20.35 36.16
N VAL B 20 -4.99 -19.78 37.25
CA VAL B 20 -4.64 -18.44 37.69
C VAL B 20 -4.08 -18.51 39.09
N GLY B 21 -3.24 -17.54 39.43
CA GLY B 21 -2.59 -17.50 40.72
C GLY B 21 -1.36 -16.62 40.69
N ASP B 22 -0.87 -16.31 41.88
CA ASP B 22 0.27 -15.40 42.02
C ASP B 22 1.55 -16.04 41.48
N GLY B 23 2.60 -15.23 41.44
CA GLY B 23 3.87 -15.71 40.94
C GLY B 23 4.55 -16.65 41.93
N GLY B 24 5.32 -17.59 41.38
CA GLY B 24 6.00 -18.59 42.19
C GLY B 24 5.09 -19.61 42.84
N VAL B 25 3.78 -19.57 42.55
CA VAL B 25 2.84 -20.49 43.19
C VAL B 25 3.03 -21.90 42.66
N GLY B 26 3.18 -22.06 41.34
CA GLY B 26 3.40 -23.37 40.76
C GLY B 26 2.44 -23.69 39.63
N LYS B 27 1.81 -22.67 39.07
CA LYS B 27 0.86 -22.89 37.99
C LYS B 27 1.50 -23.59 36.80
N SER B 28 2.74 -23.21 36.48
CA SER B 28 3.42 -23.81 35.34
C SER B 28 3.83 -25.26 35.63
N ALA B 29 4.47 -25.49 36.79
CA ALA B 29 4.94 -26.82 37.11
C ALA B 29 3.80 -27.83 37.22
N LEU B 30 2.65 -27.39 37.75
CA LEU B 30 1.48 -28.25 37.80
C LEU B 30 1.01 -28.62 36.39
N THR B 31 1.03 -27.66 35.47
CA THR B 31 0.57 -27.91 34.11
C THR B 31 1.56 -28.79 33.34
N ILE B 32 2.86 -28.53 33.51
CA ILE B 32 3.86 -29.38 32.85
C ILE B 32 3.80 -30.80 33.38
N GLN B 33 3.49 -30.96 34.67
CA GLN B 33 3.33 -32.30 35.23
C GLN B 33 2.12 -33.00 34.65
N PHE B 34 1.02 -32.28 34.48
CA PHE B 34 -0.21 -32.89 33.98
C PHE B 34 -0.10 -33.26 32.50
N PHE B 35 0.65 -32.49 31.71
CA PHE B 35 0.75 -32.72 30.28
C PHE B 35 1.98 -33.53 29.88
N ALA B 36 3.11 -33.34 30.56
CA ALA B 36 4.35 -34.01 30.17
C ALA B 36 4.89 -34.96 31.24
N LYS B 37 4.24 -35.04 32.40
CA LYS B 37 4.66 -35.94 33.49
C LYS B 37 6.10 -35.66 33.90
N ILE B 38 6.43 -34.39 34.08
CA ILE B 38 7.78 -33.98 34.47
C ILE B 38 7.67 -32.72 35.32
N PHE B 39 8.47 -32.67 36.39
CA PHE B 39 8.52 -31.52 37.27
C PHE B 39 9.61 -30.57 36.80
N VAL B 40 9.29 -29.29 36.76
CA VAL B 40 10.23 -28.25 36.33
C VAL B 40 10.68 -27.47 37.57
N PRO B 41 11.97 -27.45 37.89
CA PRO B 41 12.42 -26.75 39.10
C PRO B 41 12.93 -25.34 38.85
N ASP B 42 13.13 -24.97 37.58
CA ASP B 42 13.74 -23.70 37.26
C ASP B 42 12.73 -22.56 37.38
N TYR B 43 13.23 -21.34 37.22
CA TYR B 43 12.45 -20.11 37.36
C TYR B 43 12.27 -19.50 35.98
N ASP B 44 11.15 -19.82 35.34
CA ASP B 44 10.76 -19.23 34.04
C ASP B 44 9.38 -18.60 34.22
N PRO B 45 9.32 -17.31 34.54
CA PRO B 45 8.00 -16.65 34.65
C PRO B 45 7.23 -16.72 33.35
N THR B 46 5.97 -17.11 33.45
CA THR B 46 5.14 -17.33 32.28
C THR B 46 4.32 -16.08 31.96
N ILE B 47 4.24 -15.76 30.68
CA ILE B 47 3.42 -14.63 30.22
C ILE B 47 2.02 -15.15 29.92
N GLU B 48 1.90 -16.04 28.93
CA GLU B 48 0.67 -16.77 28.67
C GLU B 48 0.89 -17.92 27.70
N ASP B 49 0.93 -19.14 28.23
CA ASP B 49 1.15 -20.34 27.43
C ASP B 49 -0.10 -21.22 27.46
N SER B 50 -0.29 -21.98 26.38
CA SER B 50 -1.44 -22.87 26.23
C SER B 50 -0.97 -24.30 25.99
N TYR B 51 -1.80 -25.25 26.41
CA TYR B 51 -1.50 -26.67 26.30
C TYR B 51 -2.76 -27.42 25.92
N LEU B 52 -2.62 -28.41 25.02
CA LEU B 52 -3.74 -29.16 24.50
C LEU B 52 -3.47 -30.64 24.62
N LYS B 53 -4.53 -31.40 24.94
CA LYS B 53 -4.42 -32.85 25.11
C LYS B 53 -5.81 -33.47 25.03
N HIS B 54 -5.84 -34.72 24.58
CA HIS B 54 -7.07 -35.52 24.55
C HIS B 54 -6.97 -36.60 25.61
N THR B 55 -7.93 -36.61 26.53
CA THR B 55 -7.97 -37.60 27.59
C THR B 55 -9.41 -38.00 27.87
N GLU B 56 -9.59 -39.20 28.38
CA GLU B 56 -10.90 -39.71 28.75
C GLU B 56 -11.09 -39.54 30.25
N ILE B 57 -12.16 -38.86 30.64
CA ILE B 57 -12.50 -38.63 32.04
C ILE B 57 -13.87 -39.21 32.31
N ASP B 58 -13.95 -40.08 33.32
CA ASP B 58 -15.20 -40.76 33.68
C ASP B 58 -15.82 -41.44 32.46
N ASN B 59 -14.97 -42.10 31.66
CA ASN B 59 -15.38 -42.82 30.46
C ASN B 59 -16.01 -41.90 29.42
N GLN B 60 -15.58 -40.63 29.39
CA GLN B 60 -16.12 -39.66 28.45
C GLN B 60 -14.97 -38.80 27.92
N TRP B 61 -14.63 -38.99 26.64
CA TRP B 61 -13.51 -38.27 26.06
C TRP B 61 -13.81 -36.77 25.99
N ALA B 62 -12.74 -35.98 26.00
CA ALA B 62 -12.86 -34.53 25.98
C ALA B 62 -11.52 -33.92 25.60
N ILE B 63 -11.58 -32.72 25.01
CA ILE B 63 -10.39 -31.97 24.64
C ILE B 63 -10.12 -30.95 25.75
N LEU B 64 -8.86 -30.91 26.20
CA LEU B 64 -8.46 -30.02 27.29
C LEU B 64 -7.53 -28.95 26.74
N ASP B 65 -7.98 -27.70 26.81
CA ASP B 65 -7.16 -26.54 26.43
C ASP B 65 -6.86 -25.79 27.72
N VAL B 66 -5.66 -25.99 28.25
CA VAL B 66 -5.26 -25.41 29.54
C VAL B 66 -4.38 -24.20 29.29
N LEU B 67 -4.72 -23.08 29.92
CA LEU B 67 -4.05 -21.81 29.71
C LEU B 67 -3.27 -21.45 30.96
N ASP B 68 -1.94 -21.36 30.83
CA ASP B 68 -1.05 -21.05 31.94
C ASP B 68 -0.86 -19.54 32.00
N THR B 69 -1.60 -18.89 32.88
CA THR B 69 -1.59 -17.43 32.96
C THR B 69 -0.29 -16.93 33.60
N ALA B 70 -0.22 -15.61 33.77
CA ALA B 70 0.93 -14.95 34.38
C ALA B 70 0.71 -14.75 35.86
N GLY B 71 1.77 -14.35 36.56
CA GLY B 71 1.71 -14.13 37.99
C GLY B 71 2.50 -12.93 38.46
N GLN B 72 3.40 -12.43 37.61
CA GLN B 72 4.23 -11.29 37.97
C GLN B 72 3.45 -9.98 38.08
N GLU B 73 2.16 -9.98 37.75
CA GLU B 73 1.29 -8.81 37.82
C GLU B 73 1.69 -7.74 36.81
N GLU B 74 2.89 -7.88 36.21
CA GLU B 74 3.29 -6.98 35.13
C GLU B 74 2.31 -7.06 33.96
N PHE B 75 1.72 -8.24 33.74
CA PHE B 75 0.71 -8.45 32.71
C PHE B 75 -0.69 -8.48 33.33
N SER B 76 -1.01 -7.43 34.10
CA SER B 76 -2.32 -7.32 34.72
C SER B 76 -3.46 -7.25 33.71
N ALA B 77 -3.15 -7.00 32.44
CA ALA B 77 -4.14 -7.11 31.38
C ALA B 77 -4.30 -8.58 30.99
N MET B 78 -4.90 -8.84 29.82
CA MET B 78 -5.12 -10.18 29.31
C MET B 78 -6.05 -11.00 30.20
N ARG B 79 -6.33 -10.51 31.42
CA ARG B 79 -7.21 -11.24 32.33
C ARG B 79 -8.63 -11.30 31.78
N GLU B 80 -9.12 -10.17 31.24
CA GLU B 80 -10.48 -10.13 30.72
C GLU B 80 -10.69 -11.12 29.59
N GLN B 81 -9.61 -11.51 28.91
CA GLN B 81 -9.76 -12.40 27.75
C GLN B 81 -10.05 -13.83 28.17
N TYR B 82 -9.18 -14.43 28.98
CA TYR B 82 -9.38 -15.81 29.37
C TYR B 82 -10.46 -15.96 30.44
N MET B 83 -10.79 -14.89 31.17
CA MET B 83 -11.87 -14.94 32.14
C MET B 83 -13.24 -14.81 31.51
N ARG B 84 -13.32 -14.67 30.18
CA ARG B 84 -14.58 -14.65 29.45
C ARG B 84 -14.82 -15.90 28.63
N THR B 85 -13.77 -16.44 28.00
CA THR B 85 -13.89 -17.65 27.20
C THR B 85 -13.61 -18.93 27.99
N GLY B 86 -13.14 -18.81 29.24
CA GLY B 86 -12.80 -19.99 30.01
C GLY B 86 -14.04 -20.70 30.54
N ASP B 87 -14.06 -22.01 30.39
CA ASP B 87 -15.16 -22.82 30.91
C ASP B 87 -14.97 -23.21 32.38
N GLY B 88 -13.75 -23.14 32.88
CA GLY B 88 -13.47 -23.47 34.27
C GLY B 88 -12.17 -22.84 34.70
N PHE B 89 -12.04 -22.64 36.01
CA PHE B 89 -10.89 -21.95 36.57
C PHE B 89 -10.29 -22.77 37.70
N LEU B 90 -8.97 -22.64 37.86
CA LEU B 90 -8.22 -23.34 38.88
C LEU B 90 -7.47 -22.28 39.69
N ILE B 91 -8.03 -21.90 40.83
CA ILE B 91 -7.37 -20.95 41.73
C ILE B 91 -6.26 -21.69 42.46
N VAL B 92 -5.02 -21.25 42.25
CA VAL B 92 -3.85 -21.94 42.77
C VAL B 92 -3.09 -20.99 43.69
N TYR B 93 -2.81 -21.44 44.92
CA TYR B 93 -1.99 -20.70 45.86
C TYR B 93 -0.94 -21.63 46.44
N SER B 94 0.06 -21.02 47.09
CA SER B 94 1.19 -21.74 47.65
C SER B 94 1.08 -21.77 49.16
N VAL B 95 1.23 -22.96 49.75
CA VAL B 95 1.15 -23.10 51.20
C VAL B 95 2.40 -22.60 51.90
N THR B 96 3.47 -22.31 51.16
CA THR B 96 4.68 -21.73 51.72
C THR B 96 4.79 -20.24 51.47
N ASP B 97 3.79 -19.64 50.85
CA ASP B 97 3.76 -18.20 50.57
C ASP B 97 2.43 -17.66 51.06
N LYS B 98 2.45 -16.95 52.20
CA LYS B 98 1.22 -16.39 52.74
C LYS B 98 0.59 -15.38 51.80
N ALA B 99 1.42 -14.61 51.06
CA ALA B 99 0.89 -13.59 50.17
C ALA B 99 0.00 -14.18 49.08
N SER B 100 0.26 -15.43 48.68
CA SER B 100 -0.57 -16.08 47.68
C SER B 100 -1.96 -16.41 48.21
N PHE B 101 -2.11 -16.54 49.53
CA PHE B 101 -3.40 -16.90 50.10
C PHE B 101 -4.35 -15.71 50.18
N GLU B 102 -3.82 -14.50 50.43
CA GLU B 102 -4.68 -13.34 50.48
C GLU B 102 -5.24 -12.99 49.10
N HIS B 103 -4.49 -13.29 48.04
CA HIS B 103 -4.93 -12.97 46.69
C HIS B 103 -5.93 -13.98 46.13
N VAL B 104 -6.35 -14.97 46.93
CA VAL B 104 -7.30 -15.96 46.43
C VAL B 104 -8.65 -15.32 46.14
N ASP B 105 -9.21 -14.60 47.11
CA ASP B 105 -10.44 -13.87 46.86
C ASP B 105 -10.24 -12.68 45.93
N ARG B 106 -8.99 -12.26 45.71
CA ARG B 106 -8.73 -11.23 44.71
C ARG B 106 -9.04 -11.75 43.31
N PHE B 107 -8.67 -12.99 43.01
CA PHE B 107 -9.05 -13.62 41.75
C PHE B 107 -10.51 -14.06 41.73
N HIS B 108 -11.11 -14.28 42.90
CA HIS B 108 -12.48 -14.76 42.94
C HIS B 108 -13.46 -13.69 42.51
N GLN B 109 -13.29 -12.46 43.00
CA GLN B 109 -14.18 -11.38 42.61
C GLN B 109 -13.95 -10.95 41.16
N LEU B 110 -12.73 -11.15 40.66
CA LEU B 110 -12.46 -10.87 39.24
C LEU B 110 -13.22 -11.83 38.35
N ILE B 111 -13.09 -13.14 38.61
CA ILE B 111 -13.76 -14.14 37.78
C ILE B 111 -15.27 -14.00 37.88
N LEU B 112 -15.78 -13.78 39.10
CA LEU B 112 -17.22 -13.67 39.27
C LEU B 112 -17.79 -12.41 38.62
N ARG B 113 -17.04 -11.32 38.62
CA ARG B 113 -17.52 -10.10 37.99
C ARG B 113 -17.37 -10.14 36.48
N VAL B 114 -16.22 -10.61 35.98
CA VAL B 114 -16.02 -10.69 34.53
C VAL B 114 -17.02 -11.68 33.92
N LYS B 115 -17.25 -12.80 34.57
CA LYS B 115 -18.29 -13.73 34.13
C LYS B 115 -19.68 -13.16 34.34
N ASP B 116 -19.84 -12.25 35.30
CA ASP B 116 -21.13 -11.66 35.63
C ASP B 116 -22.18 -12.73 35.91
N ARG B 117 -21.81 -13.68 36.78
CA ARG B 117 -22.68 -14.77 37.19
C ARG B 117 -22.66 -14.87 38.70
N GLU B 118 -23.62 -15.63 39.24
CA GLU B 118 -23.66 -15.88 40.67
C GLU B 118 -22.48 -16.73 41.13
N SER B 119 -21.98 -17.60 40.25
CA SER B 119 -20.86 -18.47 40.54
C SER B 119 -20.42 -19.12 39.24
N PHE B 120 -19.22 -19.70 39.26
CA PHE B 120 -18.65 -20.33 38.08
C PHE B 120 -17.76 -21.48 38.54
N PRO B 121 -17.63 -22.54 37.72
CA PRO B 121 -16.73 -23.65 38.10
C PRO B 121 -15.33 -23.20 38.47
N MET B 122 -15.00 -23.34 39.76
CA MET B 122 -13.69 -23.02 40.28
C MET B 122 -13.26 -24.11 41.26
N ILE B 123 -11.95 -24.30 41.38
CA ILE B 123 -11.37 -25.24 42.34
C ILE B 123 -10.15 -24.59 42.97
N LEU B 124 -10.10 -24.57 44.30
CA LEU B 124 -8.96 -24.01 45.01
C LEU B 124 -7.87 -25.07 45.13
N VAL B 125 -6.63 -24.67 44.85
CA VAL B 125 -5.49 -25.60 44.81
C VAL B 125 -4.44 -25.11 45.79
N ALA B 126 -4.18 -25.90 46.82
CA ALA B 126 -3.10 -25.63 47.77
C ALA B 126 -1.87 -26.40 47.29
N ASN B 127 -0.91 -25.68 46.71
CA ASN B 127 0.25 -26.30 46.11
C ASN B 127 1.43 -26.28 47.06
N LYS B 128 2.47 -27.05 46.71
CA LYS B 128 3.74 -27.11 47.45
C LYS B 128 3.58 -27.71 48.84
N VAL B 129 2.69 -28.69 48.99
CA VAL B 129 2.54 -29.35 50.29
C VAL B 129 3.67 -30.33 50.57
N ASP B 130 4.54 -30.59 49.60
CA ASP B 130 5.73 -31.39 49.84
C ASP B 130 6.76 -30.67 50.71
N LEU B 131 6.55 -29.39 50.99
CA LEU B 131 7.47 -28.60 51.80
C LEU B 131 6.81 -28.21 53.11
N MET B 132 6.43 -29.19 53.93
CA MET B 132 5.75 -28.90 55.19
C MET B 132 6.68 -28.28 56.21
N HIS B 133 7.99 -28.44 56.06
CA HIS B 133 8.95 -27.79 56.96
C HIS B 133 8.95 -26.28 56.81
N LEU B 134 8.36 -25.75 55.74
CA LEU B 134 8.21 -24.30 55.56
C LEU B 134 6.78 -23.93 55.20
N ARG B 135 5.81 -24.78 55.54
CA ARG B 135 4.41 -24.50 55.21
C ARG B 135 3.87 -23.41 56.11
N LYS B 136 3.18 -22.44 55.51
CA LYS B 136 2.65 -21.29 56.24
C LYS B 136 1.14 -21.20 56.21
N ILE B 137 0.45 -22.13 55.56
CA ILE B 137 -1.01 -22.17 55.54
C ILE B 137 -1.45 -23.59 55.86
N THR B 138 -2.18 -23.74 56.97
CA THR B 138 -2.65 -25.06 57.38
C THR B 138 -3.73 -25.57 56.43
N ARG B 139 -4.05 -26.86 56.58
CA ARG B 139 -5.12 -27.45 55.77
C ARG B 139 -6.47 -26.84 56.13
N GLU B 140 -6.68 -26.53 57.41
CA GLU B 140 -7.95 -25.95 57.84
C GLU B 140 -8.13 -24.53 57.29
N GLN B 141 -7.04 -23.78 57.14
CA GLN B 141 -7.14 -22.45 56.55
C GLN B 141 -7.58 -22.53 55.08
N GLY B 142 -7.10 -23.54 54.36
CA GLY B 142 -7.54 -23.73 52.99
C GLY B 142 -8.96 -24.25 52.90
N LYS B 143 -9.34 -25.12 53.84
CA LYS B 143 -10.72 -25.62 53.88
C LYS B 143 -11.71 -24.50 54.17
N GLU B 144 -11.34 -23.59 55.08
CA GLU B 144 -12.25 -22.49 55.42
C GLU B 144 -12.41 -21.52 54.25
N MET B 145 -11.32 -21.21 53.56
CA MET B 145 -11.40 -20.35 52.38
C MET B 145 -12.20 -21.03 51.27
N ALA B 146 -12.07 -22.35 51.15
CA ALA B 146 -12.81 -23.07 50.11
C ALA B 146 -14.31 -23.05 50.39
N THR B 147 -14.71 -23.26 51.66
CA THR B 147 -16.11 -23.18 52.01
C THR B 147 -16.61 -21.74 52.05
N LYS B 148 -15.70 -20.77 52.12
CA LYS B 148 -16.11 -19.37 52.10
C LYS B 148 -16.75 -19.00 50.77
N HIS B 149 -16.11 -19.38 49.67
CA HIS B 149 -16.63 -19.12 48.34
C HIS B 149 -17.37 -20.31 47.74
N ASN B 150 -17.66 -21.33 48.56
CA ASN B 150 -18.37 -22.54 48.13
C ASN B 150 -17.65 -23.20 46.95
N ILE B 151 -16.37 -23.51 47.19
CA ILE B 151 -15.48 -24.03 46.15
C ILE B 151 -14.87 -25.34 46.61
N PRO B 152 -14.75 -26.34 45.75
CA PRO B 152 -14.00 -27.56 46.13
C PRO B 152 -12.54 -27.23 46.44
N TYR B 153 -11.94 -28.09 47.26
CA TYR B 153 -10.58 -27.88 47.75
C TYR B 153 -9.74 -29.12 47.45
N ILE B 154 -8.46 -28.89 47.16
CA ILE B 154 -7.54 -29.99 46.88
C ILE B 154 -6.12 -29.49 47.15
N GLU B 155 -5.29 -30.39 47.66
CA GLU B 155 -3.88 -30.09 47.92
C GLU B 155 -3.02 -30.87 46.95
N THR B 156 -2.15 -30.16 46.22
CA THR B 156 -1.29 -30.76 45.22
C THR B 156 0.16 -30.38 45.48
N SER B 157 1.05 -31.05 44.76
CA SER B 157 2.48 -30.72 44.78
C SER B 157 3.09 -31.24 43.50
N ALA B 158 3.53 -30.33 42.64
CA ALA B 158 4.04 -30.71 41.32
C ALA B 158 5.38 -31.42 41.36
N LYS B 159 5.91 -31.71 42.55
CA LYS B 159 7.19 -32.38 42.71
C LYS B 159 7.14 -33.78 42.11
N ASP B 160 8.27 -34.49 42.11
CA ASP B 160 8.31 -35.83 41.52
C ASP B 160 7.22 -36.76 42.03
N PRO B 161 6.88 -36.80 43.32
CA PRO B 161 5.64 -37.46 43.73
C PRO B 161 4.43 -36.72 43.19
N PRO B 162 3.54 -37.41 42.46
CA PRO B 162 2.50 -36.72 41.69
C PRO B 162 1.57 -35.86 42.54
N LEU B 163 0.77 -36.51 43.38
CA LEU B 163 -0.12 -35.86 44.34
C LEU B 163 -1.19 -35.01 43.65
N ASN B 164 -2.25 -35.67 43.19
CA ASN B 164 -3.50 -35.02 42.78
C ASN B 164 -3.30 -33.98 41.67
N VAL B 165 -2.25 -34.12 40.87
CA VAL B 165 -2.07 -33.21 39.74
C VAL B 165 -3.13 -33.48 38.68
N ASP B 166 -3.30 -34.75 38.28
CA ASP B 166 -4.32 -35.09 37.32
C ASP B 166 -5.72 -34.96 37.92
N LYS B 167 -5.87 -35.24 39.21
CA LYS B 167 -7.19 -35.17 39.83
C LYS B 167 -7.71 -33.73 39.88
N ALA B 168 -6.83 -32.76 40.11
CA ALA B 168 -7.25 -31.36 40.19
C ALA B 168 -7.86 -30.90 38.87
N PHE B 169 -7.21 -31.22 37.75
CA PHE B 169 -7.77 -30.88 36.45
C PHE B 169 -9.02 -31.71 36.17
N HIS B 170 -8.93 -33.03 36.38
CA HIS B 170 -10.07 -33.89 36.09
C HIS B 170 -11.29 -33.53 36.94
N ASP B 171 -11.07 -33.08 38.18
CA ASP B 171 -12.20 -32.63 38.99
C ASP B 171 -12.83 -31.36 38.42
N LEU B 172 -11.99 -30.43 37.94
CA LEU B 172 -12.53 -29.22 37.33
C LEU B 172 -13.32 -29.54 36.07
N VAL B 173 -12.90 -30.56 35.31
CA VAL B 173 -13.70 -31.02 34.19
C VAL B 173 -15.00 -31.64 34.69
N ARG B 174 -14.96 -32.31 35.85
CA ARG B 174 -16.17 -32.89 36.41
C ARG B 174 -17.14 -31.80 36.90
N VAL B 175 -16.60 -30.72 37.48
CA VAL B 175 -17.46 -29.64 37.96
C VAL B 175 -18.21 -29.00 36.81
N ILE B 176 -17.54 -28.80 35.68
CA ILE B 176 -18.18 -28.18 34.52
C ILE B 176 -19.29 -29.07 33.98
N ARG B 177 -19.08 -30.39 34.02
CA ARG B 177 -20.09 -31.32 33.51
C ARG B 177 -21.34 -31.37 34.38
N GLN B 178 -21.24 -30.97 35.66
CA GLN B 178 -22.37 -31.05 36.57
C GLN B 178 -22.77 -29.68 37.12
N GLN B 179 -22.21 -28.60 36.60
CA GLN B 179 -22.55 -27.26 37.06
C GLN B 179 -23.94 -26.85 36.58
#